data_6AWA
#
_entry.id   6AWA
#
_cell.length_a   88.936
_cell.length_b   113.089
_cell.length_c   120.695
_cell.angle_alpha   90.00
_cell.angle_beta   90.00
_cell.angle_gamma   90.00
#
_symmetry.space_group_name_H-M   'P 21 21 21'
#
loop_
_entity.id
_entity.type
_entity.pdbx_description
1 polymer 'Dihydrolipoyl dehydrogenase'
2 non-polymer 'ADENOSINE MONOPHOSPHATE'
3 non-polymer 'FLAVIN-ADENINE DINUCLEOTIDE'
4 non-polymer 'SULFATE ION'
5 water water
#
_entity_poly.entity_id   1
_entity_poly.type   'polypeptide(L)'
_entity_poly.pdbx_seq_one_letter_code
;SNAMTQKFDVVVIGAGPGGYVAAIKAAQLGLKTACIEKYTDAEGKLALGGTCLNVGCIPSKALLDSSWKYKEAKESFNVH
GISTGEVKMDVAAMVGRKAGIVKNLTGGVATLFKANGVTSIQGHGKLLAGKKVEVTKADGTTEVIEAENVILASGSRPID
IPPAPVDQNVIVDSTGALEFQAVPKRLGVIGAGVIGLELGSVWARLGAEVTVLEALDTFLMAADTAVSKEAQKTLTKQGL
DIKLGARVTGSKVNGNEVEVTYTNAEGEQKITFDKLIVAVGRRPVTTDLLASDSGVTIDERGYIFVDDYCATSVPGVYAI
GDVVRGMMLAHKASEEGIMVVERIKGHKAQMNYDLIPSVIYTHPEIAWVGKTEQALKAEGVEVNVGTFPFAASGRAMAAN
DTGGFVKVIADAKTDRVLGVHVIGPSAAELVQQGAIAMEFGTSAEDLGMMVFSHPTLSEALHEAALAVNGGAIHVANRKK
R
;
_entity_poly.pdbx_strand_id   A,B
#
loop_
_chem_comp.id
_chem_comp.type
_chem_comp.name
_chem_comp.formula
AMP non-polymer 'ADENOSINE MONOPHOSPHATE' 'C10 H14 N5 O7 P'
FAD non-polymer 'FLAVIN-ADENINE DINUCLEOTIDE' 'C27 H33 N9 O15 P2'
SO4 non-polymer 'SULFATE ION' 'O4 S -2'
#
# COMPACT_ATOMS: atom_id res chain seq x y z
N MET A 4 18.84 34.88 -34.99
CA MET A 4 18.97 35.68 -33.72
C MET A 4 18.92 34.78 -32.49
N THR A 5 19.42 35.29 -31.37
CA THR A 5 19.46 34.59 -30.09
C THR A 5 18.12 33.96 -29.70
N GLN A 6 18.15 32.68 -29.31
CA GLN A 6 16.96 31.99 -28.83
C GLN A 6 16.56 32.62 -27.49
N LYS A 7 15.25 32.85 -27.31
CA LYS A 7 14.69 33.48 -26.11
C LYS A 7 13.56 32.64 -25.51
N PHE A 8 13.64 32.42 -24.20
CA PHE A 8 12.65 31.62 -23.48
C PHE A 8 12.20 32.31 -22.18
N ASP A 9 10.99 32.00 -21.73
CA ASP A 9 10.47 32.52 -20.45
C ASP A 9 11.17 31.81 -19.30
N VAL A 10 11.43 30.51 -19.48
CA VAL A 10 12.06 29.70 -18.48
C VAL A 10 13.12 28.81 -19.14
N VAL A 11 14.33 28.81 -18.55
CA VAL A 11 15.40 27.92 -18.98
C VAL A 11 15.76 27.08 -17.75
N VAL A 12 15.64 25.77 -17.90
CA VAL A 12 15.94 24.86 -16.82
C VAL A 12 17.27 24.19 -17.15
N ILE A 13 18.21 24.22 -16.21
CA ILE A 13 19.48 23.52 -16.42
C ILE A 13 19.40 22.21 -15.63
N GLY A 14 19.32 21.09 -16.35
CA GLY A 14 19.22 19.77 -15.75
C GLY A 14 17.84 19.16 -15.97
N ALA A 15 17.81 17.87 -16.31
CA ALA A 15 16.56 17.15 -16.61
C ALA A 15 16.24 16.00 -15.66
N GLY A 16 16.62 16.15 -14.39
CA GLY A 16 16.25 15.20 -13.36
C GLY A 16 14.82 15.47 -12.88
N PRO A 17 14.37 14.80 -11.82
CA PRO A 17 13.00 15.00 -11.35
C PRO A 17 12.68 16.46 -11.00
N GLY A 18 13.68 17.24 -10.61
CA GLY A 18 13.42 18.65 -10.34
C GLY A 18 13.23 19.36 -11.67
N GLY A 19 14.28 19.29 -12.49
CA GLY A 19 14.30 19.96 -13.77
C GLY A 19 13.25 19.59 -14.80
N TYR A 20 13.08 18.29 -15.08
CA TYR A 20 12.14 17.92 -16.13
C TYR A 20 10.69 18.17 -15.71
N VAL A 21 10.38 17.99 -14.43
CA VAL A 21 9.01 18.27 -13.94
C VAL A 21 8.77 19.77 -13.98
N ALA A 22 9.78 20.56 -13.60
CA ALA A 22 9.67 22.01 -13.65
C ALA A 22 9.43 22.45 -15.10
N ALA A 23 10.16 21.83 -16.04
CA ALA A 23 9.99 22.15 -17.47
C ALA A 23 8.57 21.83 -17.97
N ILE A 24 8.08 20.62 -17.67
CA ILE A 24 6.72 20.21 -18.10
C ILE A 24 5.67 21.17 -17.54
N LYS A 25 5.77 21.50 -16.26
CA LYS A 25 4.78 22.35 -15.62
C LYS A 25 4.80 23.77 -16.20
N ALA A 26 6.01 24.30 -16.40
CA ALA A 26 6.13 25.66 -17.01
C ALA A 26 5.43 25.65 -18.35
N ALA A 27 5.70 24.63 -19.16
CA ALA A 27 5.06 24.53 -20.48
C ALA A 27 3.54 24.42 -20.36
N GLN A 28 3.04 23.62 -19.40
CA GLN A 28 1.59 23.50 -19.19
C GLN A 28 0.93 24.83 -18.84
N LEU A 29 1.66 25.67 -18.12
CA LEU A 29 1.14 26.99 -17.73
C LEU A 29 1.32 28.05 -18.82
N GLY A 30 1.74 27.65 -20.02
CA GLY A 30 1.89 28.58 -21.16
C GLY A 30 3.20 29.35 -21.27
N LEU A 31 4.24 28.88 -20.60
CA LEU A 31 5.54 29.53 -20.64
C LEU A 31 6.44 28.85 -21.65
N LYS A 32 7.12 29.65 -22.48
CA LYS A 32 8.04 29.12 -23.49
C LYS A 32 9.24 28.61 -22.69
N THR A 33 9.41 27.29 -22.68
CA THR A 33 10.38 26.65 -21.82
C THR A 33 11.44 25.81 -22.54
N ALA A 34 12.66 25.86 -22.01
CA ALA A 34 13.77 25.05 -22.50
C ALA A 34 14.37 24.28 -21.32
N CYS A 35 14.82 23.06 -21.60
CA CYS A 35 15.45 22.24 -20.60
C CYS A 35 16.77 21.75 -21.21
N ILE A 36 17.89 22.08 -20.55
CA ILE A 36 19.20 21.69 -21.01
C ILE A 36 19.70 20.46 -20.25
N GLU A 37 20.10 19.42 -20.98
CA GLU A 37 20.61 18.21 -20.36
C GLU A 37 21.85 17.73 -21.11
N LYS A 38 22.90 17.42 -20.35
CA LYS A 38 24.19 17.01 -20.93
C LYS A 38 24.37 15.52 -21.21
N TYR A 39 23.72 14.68 -20.41
N TYR A 39 23.73 14.68 -20.39
CA TYR A 39 23.93 13.24 -20.51
CA TYR A 39 23.89 13.22 -20.48
C TYR A 39 23.07 12.56 -21.58
C TYR A 39 23.04 12.54 -21.57
N THR A 40 23.70 11.65 -22.32
CA THR A 40 23.03 10.87 -23.36
C THR A 40 23.37 9.40 -23.13
N ASP A 41 22.41 8.51 -23.41
CA ASP A 41 22.60 7.05 -23.22
C ASP A 41 23.36 6.41 -24.39
N ALA A 42 23.59 5.09 -24.31
CA ALA A 42 24.38 4.36 -25.34
C ALA A 42 23.77 4.38 -26.75
N GLU A 43 22.45 4.55 -26.84
CA GLU A 43 21.75 4.62 -28.13
C GLU A 43 21.69 6.05 -28.68
N GLY A 44 22.40 6.97 -28.05
CA GLY A 44 22.43 8.37 -28.49
C GLY A 44 21.24 9.21 -28.02
N LYS A 45 20.41 8.63 -27.14
CA LYS A 45 19.23 9.36 -26.66
C LYS A 45 19.56 10.20 -25.44
N LEU A 46 18.94 11.37 -25.39
CA LEU A 46 19.08 12.29 -24.26
C LEU A 46 18.61 11.58 -22.97
N ALA A 47 19.45 11.56 -21.96
CA ALA A 47 19.14 10.85 -20.71
C ALA A 47 18.22 11.63 -19.76
N LEU A 48 17.00 11.95 -20.23
CA LEU A 48 16.04 12.66 -19.39
C LEU A 48 15.73 11.82 -18.15
N GLY A 49 15.43 12.48 -17.04
CA GLY A 49 15.10 11.77 -15.81
C GLY A 49 16.22 11.79 -14.79
N GLY A 50 17.37 12.29 -15.18
CA GLY A 50 18.48 12.46 -14.27
C GLY A 50 18.94 11.25 -13.51
N THR A 51 19.45 11.51 -12.31
CA THR A 51 19.96 10.47 -11.42
C THR A 51 18.89 9.45 -11.07
N CYS A 52 17.74 9.98 -10.68
CA CYS A 52 16.62 9.18 -10.23
C CYS A 52 16.23 8.07 -11.22
N LEU A 53 16.05 8.46 -12.46
CA LEU A 53 15.64 7.50 -13.47
C LEU A 53 16.76 6.62 -14.05
N ASN A 54 17.93 7.22 -14.30
CA ASN A 54 19.01 6.52 -14.96
C ASN A 54 19.95 5.67 -14.11
N VAL A 55 20.25 6.11 -12.89
CA VAL A 55 21.23 5.40 -12.04
C VAL A 55 20.89 5.48 -10.56
N GLY A 56 19.63 5.75 -10.27
CA GLY A 56 19.20 5.98 -8.90
C GLY A 56 17.97 5.23 -8.46
N CYS A 57 16.90 5.99 -8.16
CA CYS A 57 15.65 5.43 -7.65
C CYS A 57 15.15 4.24 -8.41
N ILE A 58 14.86 4.45 -9.70
CA ILE A 58 14.23 3.39 -10.47
C ILE A 58 15.08 2.12 -10.63
N PRO A 59 16.35 2.25 -11.05
CA PRO A 59 17.16 1.05 -11.17
C PRO A 59 17.31 0.29 -9.86
N SER A 60 17.48 1.02 -8.74
CA SER A 60 17.63 0.35 -7.44
C SER A 60 16.35 -0.38 -7.06
N LYS A 61 15.21 0.27 -7.25
CA LYS A 61 13.92 -0.37 -6.94
C LYS A 61 13.71 -1.62 -7.83
N ALA A 62 14.13 -1.56 -9.10
CA ALA A 62 13.97 -2.73 -9.97
C ALA A 62 14.77 -3.92 -9.44
N LEU A 63 16.01 -3.69 -9.06
CA LEU A 63 16.86 -4.76 -8.55
C LEU A 63 16.42 -5.23 -7.17
N LEU A 64 15.89 -4.30 -6.36
CA LEU A 64 15.41 -4.67 -5.04
C LEU A 64 14.21 -5.61 -5.19
N ASP A 65 13.32 -5.28 -6.13
CA ASP A 65 12.15 -6.10 -6.37
C ASP A 65 12.48 -7.49 -6.93
N SER A 66 13.39 -7.56 -7.90
CA SER A 66 13.79 -8.82 -8.47
C SER A 66 14.51 -9.69 -7.43
N SER A 67 15.44 -9.08 -6.68
CA SER A 67 16.17 -9.82 -5.67
C SER A 67 15.28 -10.32 -4.54
N TRP A 68 14.27 -9.53 -4.16
CA TRP A 68 13.37 -9.99 -3.10
C TRP A 68 12.57 -11.22 -3.57
N LYS A 69 12.12 -11.22 -4.81
CA LYS A 69 11.37 -12.35 -5.32
C LYS A 69 12.23 -13.63 -5.26
N TYR A 70 13.52 -13.51 -5.54
CA TYR A 70 14.44 -14.62 -5.47
C TYR A 70 14.54 -15.13 -4.03
N LYS A 71 14.73 -14.22 -3.08
CA LYS A 71 14.86 -14.60 -1.67
C LYS A 71 13.60 -15.28 -1.18
N GLU A 72 12.46 -14.71 -1.54
CA GLU A 72 11.18 -15.23 -1.09
C GLU A 72 10.95 -16.65 -1.61
N ALA A 73 11.25 -16.89 -2.89
CA ALA A 73 11.07 -18.21 -3.47
C ALA A 73 11.94 -19.26 -2.80
N LYS A 74 13.15 -18.85 -2.39
CA LYS A 74 14.05 -19.79 -1.73
C LYS A 74 13.73 -20.05 -0.29
N GLU A 75 13.21 -19.05 0.42
CA GLU A 75 13.02 -19.17 1.84
C GLU A 75 11.61 -19.18 2.38
N SER A 76 10.66 -18.60 1.64
CA SER A 76 9.30 -18.40 2.15
C SER A 76 8.17 -18.95 1.30
N PHE A 77 8.47 -19.81 0.34
CA PHE A 77 7.42 -20.42 -0.46
C PHE A 77 6.87 -21.69 0.17
N ASN A 78 7.75 -22.46 0.81
CA ASN A 78 7.36 -23.72 1.46
C ASN A 78 6.16 -23.57 2.40
N VAL A 79 6.10 -22.47 3.16
CA VAL A 79 5.01 -22.25 4.12
C VAL A 79 3.64 -22.17 3.42
N HIS A 80 3.63 -21.74 2.16
CA HIS A 80 2.40 -21.65 1.37
C HIS A 80 2.04 -22.96 0.67
N GLY A 81 2.90 -23.97 0.81
CA GLY A 81 2.72 -25.24 0.14
C GLY A 81 3.43 -25.28 -1.23
N ILE A 82 4.14 -24.21 -1.59
CA ILE A 82 4.77 -24.10 -2.90
C ILE A 82 6.20 -24.63 -2.89
N SER A 83 6.48 -25.53 -3.82
CA SER A 83 7.82 -26.07 -3.98
C SER A 83 8.23 -25.78 -5.41
N THR A 84 9.53 -25.64 -5.60
CA THR A 84 10.12 -25.37 -6.91
C THR A 84 11.35 -26.26 -7.05
N GLY A 85 11.99 -26.23 -8.19
CA GLY A 85 13.28 -26.95 -8.28
C GLY A 85 14.27 -25.99 -7.60
N GLU A 86 15.50 -26.01 -8.07
CA GLU A 86 16.48 -25.09 -7.54
C GLU A 86 16.10 -23.70 -8.08
N VAL A 87 16.18 -22.69 -7.22
CA VAL A 87 15.88 -21.31 -7.62
C VAL A 87 17.22 -20.68 -7.98
N LYS A 88 17.36 -20.20 -9.23
CA LYS A 88 18.61 -19.58 -9.68
C LYS A 88 18.38 -18.22 -10.34
N MET A 89 19.36 -17.36 -10.21
CA MET A 89 19.29 -16.01 -10.78
C MET A 89 20.31 -15.82 -11.92
N ASP A 90 19.78 -15.36 -13.06
CA ASP A 90 20.57 -15.00 -14.24
C ASP A 90 20.77 -13.48 -14.00
N VAL A 91 21.91 -13.11 -13.42
CA VAL A 91 22.15 -11.69 -13.07
C VAL A 91 22.10 -10.75 -14.27
N ALA A 92 22.64 -11.18 -15.40
CA ALA A 92 22.61 -10.32 -16.61
C ALA A 92 21.19 -9.99 -17.07
N ALA A 93 20.32 -10.99 -16.97
CA ALA A 93 18.92 -10.83 -17.34
C ALA A 93 18.20 -9.93 -16.33
N MET A 94 18.53 -10.04 -15.04
CA MET A 94 17.92 -9.16 -14.02
C MET A 94 18.29 -7.71 -14.32
N VAL A 95 19.58 -7.46 -14.56
CA VAL A 95 20.06 -6.12 -14.84
C VAL A 95 19.47 -5.63 -16.17
N GLY A 96 19.33 -6.53 -17.13
CA GLY A 96 18.72 -6.16 -18.43
C GLY A 96 17.26 -5.72 -18.33
N ARG A 97 16.51 -6.35 -17.42
CA ARG A 97 15.12 -5.95 -17.23
C ARG A 97 15.11 -4.52 -16.75
N LYS A 98 16.00 -4.23 -15.81
CA LYS A 98 16.14 -2.88 -15.27
C LYS A 98 16.47 -1.89 -16.37
N ALA A 99 17.42 -2.25 -17.23
CA ALA A 99 17.81 -1.39 -18.36
C ALA A 99 16.61 -1.08 -19.29
N GLY A 100 15.74 -2.06 -19.53
CA GLY A 100 14.56 -1.84 -20.40
C GLY A 100 13.53 -0.92 -19.72
N ILE A 101 13.43 -1.00 -18.39
CA ILE A 101 12.52 -0.12 -17.65
C ILE A 101 13.05 1.32 -17.80
N VAL A 102 14.35 1.48 -17.57
CA VAL A 102 14.97 2.79 -17.72
C VAL A 102 14.73 3.36 -19.12
N LYS A 103 14.96 2.54 -20.15
CA LYS A 103 14.75 3.00 -21.53
C LYS A 103 13.28 3.42 -21.79
N ASN A 104 12.33 2.65 -21.28
CA ASN A 104 10.91 2.97 -21.45
C ASN A 104 10.54 4.30 -20.75
N LEU A 105 10.97 4.46 -19.51
CA LEU A 105 10.65 5.67 -18.76
C LEU A 105 11.30 6.94 -19.32
N THR A 106 12.54 6.82 -19.78
CA THR A 106 13.26 7.97 -20.37
C THR A 106 12.53 8.36 -21.64
N GLY A 107 12.13 7.36 -22.44
CA GLY A 107 11.32 7.61 -23.62
C GLY A 107 10.01 8.29 -23.25
N GLY A 108 9.44 7.89 -22.11
CA GLY A 108 8.19 8.51 -21.62
C GLY A 108 8.34 10.01 -21.35
N VAL A 109 9.46 10.40 -20.75
CA VAL A 109 9.70 11.82 -20.46
C VAL A 109 9.89 12.58 -21.76
N ALA A 110 10.62 11.97 -22.74
CA ALA A 110 10.79 12.62 -24.04
C ALA A 110 9.42 12.86 -24.66
N THR A 111 8.55 11.85 -24.59
CA THR A 111 7.19 11.98 -25.12
C THR A 111 6.42 13.10 -24.41
N LEU A 112 6.57 13.21 -23.09
CA LEU A 112 5.89 14.28 -22.33
C LEU A 112 6.40 15.66 -22.74
N PHE A 113 7.71 15.80 -22.86
CA PHE A 113 8.33 17.05 -23.33
C PHE A 113 7.73 17.48 -24.67
N LYS A 114 7.67 16.54 -25.61
CA LYS A 114 7.12 16.81 -26.94
C LYS A 114 5.64 17.20 -26.89
N ALA A 115 4.83 16.45 -26.15
CA ALA A 115 3.39 16.73 -26.01
C ALA A 115 3.10 18.08 -25.36
N ASN A 116 3.99 18.53 -24.46
CA ASN A 116 3.84 19.81 -23.76
C ASN A 116 4.54 21.00 -24.43
N GLY A 117 5.38 20.75 -25.43
CA GLY A 117 6.09 21.83 -26.13
C GLY A 117 7.40 22.27 -25.51
N VAL A 118 7.99 21.42 -24.67
CA VAL A 118 9.26 21.76 -24.04
C VAL A 118 10.36 21.60 -25.09
N THR A 119 11.26 22.57 -25.19
CA THR A 119 12.39 22.48 -26.10
C THR A 119 13.53 21.84 -25.33
N SER A 120 13.89 20.59 -25.68
CA SER A 120 15.03 19.96 -25.01
C SER A 120 16.31 20.35 -25.78
N ILE A 121 17.36 20.68 -25.06
CA ILE A 121 18.63 21.06 -25.68
C ILE A 121 19.73 20.20 -25.10
N GLN A 122 20.45 19.49 -25.97
CA GLN A 122 21.56 18.65 -25.53
C GLN A 122 22.79 19.54 -25.27
N GLY A 123 23.40 19.42 -24.08
CA GLY A 123 24.57 20.21 -23.76
C GLY A 123 24.75 20.53 -22.29
N HIS A 124 25.85 21.23 -22.00
CA HIS A 124 26.19 21.67 -20.66
C HIS A 124 25.82 23.14 -20.55
N GLY A 125 24.88 23.44 -19.66
CA GLY A 125 24.41 24.81 -19.46
C GLY A 125 25.17 25.53 -18.38
N LYS A 126 25.42 26.81 -18.60
CA LYS A 126 26.12 27.64 -17.64
C LYS A 126 25.40 28.98 -17.49
N LEU A 127 25.14 29.38 -16.27
CA LEU A 127 24.48 30.66 -16.02
C LEU A 127 25.52 31.78 -16.08
N LEU A 128 25.30 32.74 -16.98
CA LEU A 128 26.12 33.94 -17.11
C LEU A 128 25.37 35.08 -16.43
N ALA A 129 25.99 36.25 -16.34
CA ALA A 129 25.30 37.40 -15.75
C ALA A 129 24.14 37.80 -16.69
N GLY A 130 23.12 38.43 -16.13
CA GLY A 130 21.97 38.90 -16.89
C GLY A 130 21.01 37.81 -17.32
N LYS A 131 20.97 36.71 -16.57
CA LYS A 131 20.09 35.58 -16.90
C LYS A 131 20.29 35.12 -18.35
N LYS A 132 21.56 34.99 -18.71
CA LYS A 132 21.94 34.53 -20.01
C LYS A 132 22.52 33.12 -19.77
N VAL A 133 22.20 32.15 -20.63
CA VAL A 133 22.68 30.79 -20.44
C VAL A 133 23.54 30.31 -21.63
N GLU A 134 24.79 29.96 -21.33
CA GLU A 134 25.73 29.45 -22.34
C GLU A 134 25.59 27.94 -22.38
N VAL A 135 25.27 27.39 -23.56
CA VAL A 135 25.16 25.95 -23.77
C VAL A 135 26.40 25.49 -24.54
N THR A 136 27.20 24.61 -23.93
CA THR A 136 28.35 24.03 -24.61
C THR A 136 27.90 22.65 -25.10
N LYS A 137 27.83 22.51 -26.42
CA LYS A 137 27.40 21.28 -27.06
C LYS A 137 28.51 20.21 -26.99
N ALA A 138 28.13 18.95 -27.26
CA ALA A 138 29.08 17.83 -27.25
C ALA A 138 30.27 17.98 -28.20
N ASP A 139 30.08 18.69 -29.33
CA ASP A 139 31.17 18.94 -30.29
C ASP A 139 32.04 20.16 -29.93
N GLY A 140 31.80 20.76 -28.76
CA GLY A 140 32.59 21.90 -28.29
C GLY A 140 32.05 23.27 -28.71
N THR A 141 31.06 23.31 -29.61
CA THR A 141 30.51 24.60 -30.02
C THR A 141 29.67 25.17 -28.88
N THR A 142 29.55 26.49 -28.83
CA THR A 142 28.78 27.14 -27.77
C THR A 142 27.70 28.01 -28.37
N GLU A 143 26.61 28.18 -27.62
CA GLU A 143 25.50 29.02 -28.03
C GLU A 143 24.94 29.65 -26.76
N VAL A 144 24.62 30.93 -26.85
CA VAL A 144 24.07 31.67 -25.72
C VAL A 144 22.59 31.88 -25.95
N ILE A 145 21.76 31.50 -24.97
CA ILE A 145 20.32 31.70 -25.04
C ILE A 145 19.92 32.67 -23.94
N GLU A 146 18.84 33.40 -24.17
CA GLU A 146 18.34 34.41 -23.24
C GLU A 146 17.12 33.91 -22.47
N ALA A 147 17.10 34.15 -21.16
CA ALA A 147 16.01 33.68 -20.32
C ALA A 147 15.49 34.74 -19.38
N GLU A 148 14.17 34.72 -19.17
CA GLU A 148 13.54 35.63 -18.22
C GLU A 148 13.59 35.03 -16.83
N ASN A 149 13.67 33.70 -16.76
CA ASN A 149 13.75 32.96 -15.50
C ASN A 149 14.67 31.76 -15.73
N VAL A 150 15.53 31.47 -14.75
CA VAL A 150 16.44 30.35 -14.85
C VAL A 150 16.19 29.46 -13.65
N ILE A 151 16.13 28.15 -13.89
CA ILE A 151 15.94 27.19 -12.82
C ILE A 151 17.14 26.30 -12.84
N LEU A 152 17.96 26.39 -11.79
CA LEU A 152 19.16 25.57 -11.68
C LEU A 152 18.78 24.25 -10.99
N ALA A 153 18.94 23.13 -11.71
CA ALA A 153 18.59 21.80 -11.20
C ALA A 153 19.64 20.79 -11.61
N SER A 154 20.89 21.14 -11.31
CA SER A 154 22.05 20.35 -11.69
C SER A 154 22.27 19.09 -10.87
N GLY A 155 21.51 18.92 -9.81
CA GLY A 155 21.57 17.71 -9.03
C GLY A 155 22.80 17.44 -8.20
N SER A 156 23.12 16.15 -8.10
CA SER A 156 24.19 15.66 -7.26
C SER A 156 24.99 14.54 -7.93
N ARG A 157 26.04 14.11 -7.25
CA ARG A 157 26.92 13.04 -7.71
C ARG A 157 27.46 12.37 -6.47
N PRO A 158 27.95 11.12 -6.60
CA PRO A 158 28.53 10.48 -5.44
C PRO A 158 29.80 11.15 -4.92
N ILE A 159 29.97 11.13 -3.62
CA ILE A 159 31.18 11.66 -3.02
C ILE A 159 32.24 10.61 -3.33
N ASP A 160 33.40 11.11 -3.74
CA ASP A 160 34.55 10.29 -4.10
C ASP A 160 35.55 10.52 -2.98
N ILE A 161 36.09 9.44 -2.40
CA ILE A 161 37.05 9.58 -1.30
C ILE A 161 38.43 8.99 -1.65
N PRO A 162 39.52 9.71 -1.28
CA PRO A 162 40.88 9.22 -1.56
C PRO A 162 41.19 7.76 -1.14
N PRO A 163 40.68 7.29 0.01
CA PRO A 163 40.95 5.90 0.42
C PRO A 163 40.38 4.80 -0.49
N ALA A 164 39.35 5.12 -1.29
CA ALA A 164 38.72 4.14 -2.16
C ALA A 164 38.30 4.78 -3.50
N PRO A 165 39.29 4.99 -4.41
CA PRO A 165 38.98 5.57 -5.71
C PRO A 165 38.19 4.57 -6.55
N VAL A 166 37.17 5.07 -7.22
CA VAL A 166 36.28 4.24 -8.04
C VAL A 166 36.88 3.97 -9.42
N ASP A 167 36.88 2.71 -9.84
CA ASP A 167 37.36 2.33 -11.19
C ASP A 167 36.24 1.63 -11.98
N GLN A 168 35.07 1.52 -11.35
CA GLN A 168 33.89 0.88 -11.95
C GLN A 168 34.11 -0.59 -12.35
N ASN A 169 35.07 -1.24 -11.69
CA ASN A 169 35.31 -2.66 -11.89
C ASN A 169 35.28 -3.31 -10.49
N VAL A 170 36.41 -3.29 -9.78
CA VAL A 170 36.45 -3.89 -8.44
C VAL A 170 35.89 -2.92 -7.39
N ILE A 171 36.14 -1.63 -7.57
CA ILE A 171 35.63 -0.61 -6.66
C ILE A 171 34.65 0.25 -7.45
N VAL A 172 33.38 0.18 -7.07
CA VAL A 172 32.34 0.93 -7.77
C VAL A 172 31.61 1.88 -6.84
N ASP A 173 30.91 2.83 -7.43
CA ASP A 173 30.00 3.69 -6.65
C ASP A 173 28.60 3.10 -6.91
N SER A 174 27.55 3.84 -6.56
CA SER A 174 26.20 3.32 -6.73
C SER A 174 25.88 2.99 -8.20
N THR A 175 26.48 3.71 -9.15
CA THR A 175 26.23 3.46 -10.58
C THR A 175 26.74 2.08 -10.99
N GLY A 176 27.97 1.74 -10.62
CA GLY A 176 28.54 0.42 -10.94
C GLY A 176 27.89 -0.72 -10.16
N ALA A 177 27.39 -0.41 -8.96
CA ALA A 177 26.73 -1.41 -8.11
C ALA A 177 25.43 -1.92 -8.72
N LEU A 178 24.83 -1.15 -9.63
CA LEU A 178 23.61 -1.55 -10.33
C LEU A 178 23.92 -2.26 -11.66
N GLU A 179 25.19 -2.56 -11.92
CA GLU A 179 25.60 -3.17 -13.20
C GLU A 179 26.39 -4.47 -13.07
N PHE A 180 26.56 -5.02 -11.85
CA PHE A 180 27.29 -6.28 -11.78
C PHE A 180 26.65 -7.32 -12.69
N GLN A 181 27.48 -8.16 -13.30
CA GLN A 181 27.01 -9.21 -14.18
C GLN A 181 27.02 -10.58 -13.52
N ALA A 182 27.48 -10.63 -12.27
CA ALA A 182 27.51 -11.87 -11.51
C ALA A 182 27.47 -11.46 -10.05
N VAL A 183 26.99 -12.35 -9.20
CA VAL A 183 26.94 -12.05 -7.76
C VAL A 183 28.37 -12.15 -7.20
N PRO A 184 28.87 -11.07 -6.58
CA PRO A 184 30.21 -11.20 -6.00
C PRO A 184 30.15 -12.12 -4.78
N LYS A 185 31.15 -12.98 -4.63
CA LYS A 185 31.15 -13.90 -3.50
C LYS A 185 31.24 -13.11 -2.18
N ARG A 186 32.11 -12.11 -2.17
CA ARG A 186 32.33 -11.25 -1.02
C ARG A 186 32.13 -9.82 -1.46
N LEU A 187 31.19 -9.12 -0.85
CA LEU A 187 30.89 -7.75 -1.21
C LEU A 187 31.04 -6.83 0.00
N GLY A 188 31.80 -5.76 -0.17
CA GLY A 188 31.96 -4.76 0.86
C GLY A 188 31.17 -3.52 0.46
N VAL A 189 30.61 -2.82 1.45
CA VAL A 189 29.89 -1.55 1.21
C VAL A 189 30.41 -0.55 2.23
N ILE A 190 30.90 0.60 1.73
CA ILE A 190 31.36 1.68 2.60
C ILE A 190 30.18 2.64 2.79
N GLY A 191 29.66 2.70 4.01
CA GLY A 191 28.54 3.58 4.37
C GLY A 191 27.24 2.82 4.57
N ALA A 192 26.66 2.94 5.76
CA ALA A 192 25.39 2.26 6.09
C ALA A 192 24.19 3.21 5.98
N GLY A 193 24.26 4.11 4.99
CA GLY A 193 23.16 5.01 4.72
C GLY A 193 22.13 4.30 3.85
N VAL A 194 21.10 5.03 3.45
CA VAL A 194 20.01 4.45 2.65
C VAL A 194 20.52 3.71 1.42
N ILE A 195 21.35 4.38 0.64
CA ILE A 195 21.87 3.80 -0.59
C ILE A 195 22.71 2.55 -0.31
N GLY A 196 23.60 2.62 0.68
CA GLY A 196 24.44 1.47 1.03
C GLY A 196 23.64 0.25 1.45
N LEU A 197 22.61 0.47 2.27
CA LEU A 197 21.76 -0.62 2.77
C LEU A 197 20.92 -1.25 1.67
N GLU A 198 20.42 -0.41 0.77
CA GLU A 198 19.64 -0.92 -0.36
C GLU A 198 20.51 -1.75 -1.30
N LEU A 199 21.67 -1.22 -1.68
CA LEU A 199 22.56 -1.93 -2.60
C LEU A 199 23.09 -3.22 -1.98
N GLY A 200 23.45 -3.16 -0.70
CA GLY A 200 23.94 -4.35 0.01
C GLY A 200 22.87 -5.42 0.06
N SER A 201 21.61 -5.00 0.28
CA SER A 201 20.46 -5.94 0.35
C SER A 201 20.26 -6.68 -0.95
N VAL A 202 20.35 -5.97 -2.08
CA VAL A 202 20.19 -6.61 -3.38
C VAL A 202 21.12 -7.81 -3.54
N TRP A 203 22.40 -7.59 -3.28
CA TRP A 203 23.39 -8.62 -3.50
C TRP A 203 23.43 -9.68 -2.42
N ALA A 204 23.09 -9.32 -1.19
CA ALA A 204 23.05 -10.29 -0.11
C ALA A 204 21.97 -11.31 -0.43
N ARG A 205 20.84 -10.84 -0.93
CA ARG A 205 19.71 -11.74 -1.30
C ARG A 205 20.09 -12.79 -2.33
N LEU A 206 20.98 -12.40 -3.24
CA LEU A 206 21.42 -13.24 -4.34
C LEU A 206 22.63 -14.12 -3.98
N GLY A 207 23.07 -14.07 -2.72
CA GLY A 207 24.13 -14.95 -2.25
C GLY A 207 25.43 -14.32 -1.84
N ALA A 208 25.60 -13.01 -2.02
CA ALA A 208 26.86 -12.39 -1.62
C ALA A 208 27.02 -12.36 -0.10
N GLU A 209 28.26 -12.51 0.36
CA GLU A 209 28.59 -12.38 1.77
C GLU A 209 28.86 -10.87 1.88
N VAL A 210 27.95 -10.14 2.53
CA VAL A 210 28.05 -8.68 2.56
C VAL A 210 28.47 -8.12 3.90
N THR A 211 29.46 -7.20 3.85
CA THR A 211 29.94 -6.50 5.04
C THR A 211 29.74 -5.01 4.78
N VAL A 212 29.10 -4.31 5.71
CA VAL A 212 28.86 -2.89 5.61
C VAL A 212 29.74 -2.18 6.66
N LEU A 213 30.71 -1.40 6.18
CA LEU A 213 31.61 -0.66 7.04
C LEU A 213 31.09 0.78 7.15
N GLU A 214 30.71 1.17 8.37
CA GLU A 214 30.16 2.50 8.67
C GLU A 214 30.99 3.18 9.75
N ALA A 215 31.49 4.38 9.44
CA ALA A 215 32.34 5.13 10.35
C ALA A 215 31.64 5.59 11.62
N LEU A 216 30.35 5.87 11.53
CA LEU A 216 29.59 6.35 12.69
C LEU A 216 29.14 5.22 13.64
N ASP A 217 28.86 5.58 14.89
CA ASP A 217 28.39 4.63 15.91
C ASP A 217 26.88 4.71 16.08
N THR A 218 26.22 5.35 15.12
CA THR A 218 24.77 5.44 15.07
C THR A 218 24.36 4.75 13.79
N PHE A 219 23.12 4.32 13.74
CA PHE A 219 22.60 3.63 12.58
C PHE A 219 21.28 4.29 12.25
N LEU A 220 21.16 4.78 11.00
CA LEU A 220 19.98 5.50 10.50
C LEU A 220 19.49 6.51 11.51
N MET A 221 20.37 7.43 11.94
CA MET A 221 20.02 8.39 12.96
C MET A 221 18.82 9.27 12.59
N ALA A 222 18.51 9.42 11.30
CA ALA A 222 17.34 10.21 10.92
C ALA A 222 16.00 9.49 11.24
N ALA A 223 16.02 8.17 11.31
CA ALA A 223 14.80 7.40 11.60
C ALA A 223 14.49 7.42 13.10
N ASP A 224 13.27 7.08 13.45
CA ASP A 224 12.89 6.98 14.85
C ASP A 224 13.72 5.86 15.50
N THR A 225 14.15 6.08 16.74
CA THR A 225 15.02 5.10 17.40
C THR A 225 14.46 3.68 17.37
N ALA A 226 13.17 3.52 17.61
CA ALA A 226 12.57 2.20 17.58
C ALA A 226 12.65 1.58 16.17
N VAL A 227 12.50 2.42 15.14
CA VAL A 227 12.56 1.95 13.74
C VAL A 227 14.00 1.55 13.38
N SER A 228 14.98 2.39 13.71
CA SER A 228 16.35 2.04 13.37
C SER A 228 16.84 0.80 14.14
N LYS A 229 16.39 0.64 15.38
CA LYS A 229 16.79 -0.54 16.16
C LYS A 229 16.29 -1.81 15.47
N GLU A 230 15.02 -1.80 15.09
CA GLU A 230 14.40 -2.94 14.41
C GLU A 230 15.08 -3.19 13.07
N ALA A 231 15.33 -2.11 12.32
CA ALA A 231 15.97 -2.23 11.02
C ALA A 231 17.35 -2.87 11.10
N GLN A 232 18.17 -2.45 12.06
CA GLN A 232 19.51 -3.02 12.21
C GLN A 232 19.40 -4.52 12.54
N LYS A 233 18.47 -4.86 13.42
CA LYS A 233 18.26 -6.25 13.81
C LYS A 233 17.86 -7.14 12.63
N THR A 234 16.84 -6.72 11.87
N THR A 234 16.86 -6.70 11.87
CA THR A 234 16.37 -7.52 10.74
CA THR A 234 16.35 -7.47 10.75
C THR A 234 17.37 -7.56 9.57
C THR A 234 17.35 -7.55 9.58
N LEU A 235 18.02 -6.43 9.30
CA LEU A 235 19.02 -6.41 8.21
C LEU A 235 20.23 -7.30 8.54
N THR A 236 20.63 -7.33 9.81
CA THR A 236 21.72 -8.20 10.24
C THR A 236 21.34 -9.67 10.03
N LYS A 237 20.10 -10.01 10.39
CA LYS A 237 19.57 -11.37 10.21
C LYS A 237 19.48 -11.75 8.71
N GLN A 238 19.29 -10.76 7.83
CA GLN A 238 19.26 -10.99 6.36
C GLN A 238 20.65 -11.14 5.71
N GLY A 239 21.72 -11.10 6.51
CA GLY A 239 23.06 -11.29 5.98
C GLY A 239 23.92 -10.05 5.78
N LEU A 240 23.45 -8.88 6.24
CA LEU A 240 24.29 -7.70 6.16
C LEU A 240 25.09 -7.61 7.46
N ASP A 241 26.39 -7.84 7.39
CA ASP A 241 27.25 -7.73 8.56
C ASP A 241 27.58 -6.23 8.70
N ILE A 242 26.73 -5.52 9.43
CA ILE A 242 26.87 -4.07 9.63
C ILE A 242 27.84 -3.78 10.77
N LYS A 243 28.98 -3.18 10.44
CA LYS A 243 30.01 -2.84 11.41
C LYS A 243 30.02 -1.35 11.65
N LEU A 244 29.57 -0.94 12.82
CA LEU A 244 29.56 0.47 13.20
C LEU A 244 30.91 0.82 13.78
N GLY A 245 31.26 2.10 13.76
CA GLY A 245 32.55 2.56 14.24
C GLY A 245 33.70 2.00 13.42
N ALA A 246 33.41 1.59 12.18
CA ALA A 246 34.40 1.02 11.29
C ALA A 246 34.65 1.97 10.11
N ARG A 247 35.67 2.81 10.25
CA ARG A 247 36.05 3.80 9.24
C ARG A 247 37.08 3.24 8.27
N VAL A 248 36.77 3.28 6.98
CA VAL A 248 37.72 2.82 5.96
C VAL A 248 38.78 3.89 5.77
N THR A 249 40.04 3.48 5.81
CA THR A 249 41.18 4.38 5.71
C THR A 249 42.01 4.15 4.45
N GLY A 250 41.92 2.97 3.87
CA GLY A 250 42.65 2.66 2.64
C GLY A 250 42.14 1.42 1.94
N SER A 251 42.60 1.25 0.70
CA SER A 251 42.23 0.10 -0.10
C SER A 251 43.31 -0.16 -1.15
N LYS A 252 43.52 -1.43 -1.47
CA LYS A 252 44.49 -1.84 -2.47
C LYS A 252 43.89 -2.91 -3.36
N VAL A 253 43.72 -2.59 -4.64
CA VAL A 253 43.19 -3.53 -5.60
C VAL A 253 44.30 -4.52 -6.01
N ASN A 254 44.02 -5.81 -5.92
CA ASN A 254 44.95 -6.89 -6.25
C ASN A 254 44.31 -7.81 -7.31
N GLY A 255 44.32 -7.38 -8.57
CA GLY A 255 43.70 -8.15 -9.65
C GLY A 255 42.19 -8.00 -9.59
N ASN A 256 41.46 -9.10 -9.31
CA ASN A 256 39.99 -9.06 -9.17
C ASN A 256 39.56 -9.08 -7.70
N GLU A 257 40.37 -8.48 -6.83
CA GLU A 257 40.08 -8.40 -5.39
C GLU A 257 40.54 -7.07 -4.85
N VAL A 258 39.97 -6.68 -3.71
CA VAL A 258 40.39 -5.45 -3.03
C VAL A 258 40.52 -5.69 -1.53
N GLU A 259 41.68 -5.38 -0.97
CA GLU A 259 41.92 -5.51 0.45
C GLU A 259 41.60 -4.14 1.01
N VAL A 260 40.68 -4.10 1.96
CA VAL A 260 40.26 -2.86 2.58
C VAL A 260 40.80 -2.82 4.00
N THR A 261 41.35 -1.66 4.38
CA THR A 261 41.85 -1.50 5.73
C THR A 261 40.95 -0.49 6.42
N TYR A 262 40.48 -0.85 7.62
CA TYR A 262 39.61 0.02 8.42
C TYR A 262 39.98 -0.01 9.90
N THR A 263 39.52 0.99 10.64
CA THR A 263 39.82 1.12 12.08
C THR A 263 38.53 1.06 12.90
N ASN A 264 38.55 0.24 13.95
CA ASN A 264 37.39 0.08 14.85
C ASN A 264 37.85 0.01 16.32
N ALA A 265 37.02 -0.54 17.20
CA ALA A 265 37.36 -0.65 18.64
C ALA A 265 38.60 -1.53 18.92
N GLU A 266 39.06 -2.29 17.93
CA GLU A 266 40.25 -3.14 18.07
C GLU A 266 41.44 -2.65 17.22
N GLY A 267 41.45 -1.35 16.89
CA GLY A 267 42.52 -0.80 16.04
C GLY A 267 42.30 -1.17 14.58
N GLU A 268 43.38 -1.19 13.80
CA GLU A 268 43.28 -1.54 12.37
C GLU A 268 42.87 -2.99 12.13
N GLN A 269 42.07 -3.17 11.08
CA GLN A 269 41.59 -4.47 10.65
C GLN A 269 41.70 -4.51 9.14
N LYS A 270 41.82 -5.70 8.58
CA LYS A 270 41.90 -5.85 7.15
C LYS A 270 40.88 -6.90 6.72
N ILE A 271 40.24 -6.65 5.58
CA ILE A 271 39.22 -7.55 5.05
C ILE A 271 39.25 -7.44 3.54
N THR A 272 39.12 -8.57 2.87
CA THR A 272 39.18 -8.59 1.40
C THR A 272 37.81 -8.85 0.79
N PHE A 273 37.52 -8.17 -0.32
CA PHE A 273 36.26 -8.35 -1.05
C PHE A 273 36.53 -8.54 -2.53
N ASP A 274 35.57 -9.17 -3.19
CA ASP A 274 35.61 -9.36 -4.63
C ASP A 274 35.13 -8.06 -5.30
N LYS A 275 34.19 -7.37 -4.65
CA LYS A 275 33.69 -6.05 -5.10
C LYS A 275 33.51 -5.14 -3.88
N LEU A 276 33.72 -3.85 -4.09
CA LEU A 276 33.59 -2.85 -3.04
C LEU A 276 32.73 -1.71 -3.58
N ILE A 277 31.65 -1.39 -2.85
CA ILE A 277 30.74 -0.30 -3.20
C ILE A 277 31.01 0.86 -2.27
N VAL A 278 31.29 2.03 -2.84
CA VAL A 278 31.53 3.25 -2.07
C VAL A 278 30.22 3.99 -2.08
N ALA A 279 29.57 4.07 -0.91
CA ALA A 279 28.27 4.75 -0.77
C ALA A 279 28.36 5.67 0.44
N VAL A 280 29.30 6.61 0.36
CA VAL A 280 29.58 7.52 1.46
C VAL A 280 28.89 8.88 1.32
N GLY A 281 27.84 8.94 0.53
CA GLY A 281 27.06 10.17 0.41
C GLY A 281 27.12 10.78 -0.95
N ARG A 282 26.39 11.89 -1.09
CA ARG A 282 26.31 12.60 -2.33
C ARG A 282 26.57 14.09 -2.15
N ARG A 283 27.11 14.71 -3.19
CA ARG A 283 27.45 16.13 -3.17
C ARG A 283 26.72 16.89 -4.28
N PRO A 284 26.35 18.15 -4.01
CA PRO A 284 25.69 18.96 -5.04
C PRO A 284 26.64 19.25 -6.21
N VAL A 285 26.11 19.30 -7.42
CA VAL A 285 26.89 19.54 -8.64
C VAL A 285 26.71 20.97 -9.13
N THR A 286 27.79 21.74 -9.15
CA THR A 286 27.78 23.10 -9.68
C THR A 286 28.98 23.29 -10.62
N THR A 287 29.52 22.16 -11.11
CA THR A 287 30.68 22.14 -12.01
C THR A 287 30.41 22.97 -13.25
N ASP A 288 31.15 24.08 -13.42
CA ASP A 288 30.97 24.99 -14.57
C ASP A 288 29.52 25.42 -14.77
N LEU A 289 28.75 25.45 -13.68
CA LEU A 289 27.35 25.85 -13.74
C LEU A 289 27.17 27.36 -13.69
N LEU A 290 28.09 28.07 -13.02
CA LEU A 290 27.95 29.51 -12.83
C LEU A 290 29.17 30.32 -13.21
N ALA A 291 28.93 31.41 -13.93
CA ALA A 291 30.00 32.37 -14.26
C ALA A 291 30.40 33.09 -12.99
N SER A 292 31.63 33.65 -12.97
CA SER A 292 32.15 34.39 -11.82
C SER A 292 31.20 35.47 -11.32
N ASP A 293 30.59 36.16 -12.26
CA ASP A 293 29.71 37.28 -11.98
C ASP A 293 28.23 36.96 -12.12
N SER A 294 27.86 35.70 -11.87
CA SER A 294 26.46 35.30 -11.97
C SER A 294 25.64 35.92 -10.85
N GLY A 295 26.29 36.17 -9.71
CA GLY A 295 25.64 36.73 -8.54
C GLY A 295 24.97 35.68 -7.64
N VAL A 296 25.02 34.40 -8.03
CA VAL A 296 24.39 33.32 -7.28
C VAL A 296 25.31 32.85 -6.12
N THR A 297 24.82 32.98 -4.89
CA THR A 297 25.58 32.57 -3.69
C THR A 297 25.62 31.03 -3.49
N ILE A 298 26.80 30.52 -3.11
CA ILE A 298 27.02 29.11 -2.79
C ILE A 298 27.34 29.04 -1.30
N ASP A 299 26.73 28.11 -0.56
CA ASP A 299 27.00 28.02 0.90
C ASP A 299 28.30 27.26 1.20
N GLU A 300 28.56 27.04 2.48
CA GLU A 300 29.80 26.37 2.93
C GLU A 300 29.97 24.91 2.47
N ARG A 301 28.86 24.24 2.13
CA ARG A 301 28.94 22.83 1.70
C ARG A 301 28.76 22.65 0.18
N GLY A 302 28.78 23.75 -0.59
CA GLY A 302 28.66 23.69 -2.05
C GLY A 302 27.25 23.76 -2.61
N TYR A 303 26.26 23.96 -1.74
CA TYR A 303 24.87 24.08 -2.18
C TYR A 303 24.58 25.48 -2.63
N ILE A 304 23.68 25.61 -3.59
CA ILE A 304 23.26 26.95 -4.01
C ILE A 304 22.34 27.47 -2.90
N PHE A 305 22.62 28.67 -2.40
CA PHE A 305 21.82 29.22 -1.31
C PHE A 305 20.49 29.74 -1.84
N VAL A 306 19.41 29.33 -1.17
CA VAL A 306 18.06 29.74 -1.55
C VAL A 306 17.18 29.96 -0.33
N ASP A 307 16.12 30.75 -0.51
CA ASP A 307 15.16 31.01 0.58
C ASP A 307 14.13 29.87 0.59
N ASP A 308 13.02 30.04 1.29
CA ASP A 308 11.97 29.01 1.37
C ASP A 308 11.23 28.75 0.06
N TYR A 309 11.35 29.67 -0.89
CA TYR A 309 10.71 29.53 -2.18
C TYR A 309 11.68 29.14 -3.28
N CYS A 310 12.86 28.68 -2.89
CA CYS A 310 13.90 28.26 -3.82
C CYS A 310 14.46 29.39 -4.69
N ALA A 311 14.28 30.63 -4.24
CA ALA A 311 14.80 31.80 -4.94
C ALA A 311 16.24 32.02 -4.47
N THR A 312 17.15 32.19 -5.44
CA THR A 312 18.55 32.45 -5.12
C THR A 312 18.71 33.94 -4.76
N SER A 313 19.96 34.36 -4.58
CA SER A 313 20.28 35.75 -4.30
C SER A 313 20.10 36.64 -5.56
N VAL A 314 19.85 36.04 -6.72
CA VAL A 314 19.65 36.79 -7.98
C VAL A 314 18.19 36.72 -8.41
N PRO A 315 17.53 37.89 -8.59
CA PRO A 315 16.13 37.93 -9.05
C PRO A 315 15.92 37.15 -10.34
N GLY A 316 14.86 36.34 -10.39
CA GLY A 316 14.54 35.52 -11.56
C GLY A 316 15.35 34.24 -11.73
N VAL A 317 16.21 33.94 -10.76
CA VAL A 317 17.03 32.73 -10.77
C VAL A 317 16.65 31.92 -9.55
N TYR A 318 16.33 30.64 -9.78
CA TYR A 318 15.90 29.70 -8.75
C TYR A 318 16.75 28.45 -8.81
N ALA A 319 16.78 27.71 -7.71
CA ALA A 319 17.54 26.49 -7.64
C ALA A 319 16.71 25.51 -6.85
N ILE A 320 16.68 24.27 -7.33
CA ILE A 320 15.86 23.22 -6.74
C ILE A 320 16.58 21.90 -6.64
N GLY A 321 15.99 20.99 -5.88
CA GLY A 321 16.47 19.64 -5.77
C GLY A 321 17.72 19.44 -4.97
N ASP A 322 18.53 18.47 -5.41
CA ASP A 322 19.75 18.09 -4.68
C ASP A 322 20.82 19.18 -4.61
N VAL A 323 20.76 20.17 -5.50
CA VAL A 323 21.76 21.24 -5.51
C VAL A 323 21.46 22.32 -4.43
N VAL A 324 20.30 22.24 -3.76
CA VAL A 324 19.96 23.15 -2.66
C VAL A 324 19.69 22.38 -1.35
N ARG A 325 19.56 23.13 -0.26
CA ARG A 325 19.33 22.56 1.06
C ARG A 325 18.09 21.68 1.09
N GLY A 326 18.09 20.74 2.03
CA GLY A 326 16.96 19.84 2.22
C GLY A 326 17.30 18.40 1.93
N MET A 327 16.31 17.57 2.14
CA MET A 327 16.46 16.15 1.96
C MET A 327 16.73 15.89 0.48
N MET A 328 17.80 15.15 0.17
CA MET A 328 18.14 14.83 -1.23
C MET A 328 17.23 13.70 -1.71
N LEU A 329 16.00 14.06 -2.05
CA LEU A 329 14.96 13.12 -2.46
C LEU A 329 14.29 13.61 -3.72
N ALA A 330 13.81 12.65 -4.53
CA ALA A 330 13.22 12.96 -5.83
C ALA A 330 11.96 13.79 -5.75
N HIS A 331 11.10 13.43 -4.83
CA HIS A 331 9.82 14.15 -4.64
C HIS A 331 10.02 15.58 -4.10
N LYS A 332 11.09 15.77 -3.35
CA LYS A 332 11.43 17.12 -2.87
C LYS A 332 11.80 17.94 -4.10
N ALA A 333 12.66 17.39 -4.96
CA ALA A 333 13.08 18.07 -6.21
C ALA A 333 11.90 18.41 -7.10
N SER A 334 11.03 17.44 -7.38
CA SER A 334 9.89 17.68 -8.25
C SER A 334 8.95 18.72 -7.71
N GLU A 335 8.63 18.64 -6.41
CA GLU A 335 7.70 19.59 -5.82
C GLU A 335 8.30 21.00 -5.69
N GLU A 336 9.62 21.12 -5.50
CA GLU A 336 10.27 22.44 -5.51
C GLU A 336 10.18 23.01 -6.92
N GLY A 337 10.34 22.14 -7.92
CA GLY A 337 10.19 22.54 -9.31
C GLY A 337 8.80 23.11 -9.57
N ILE A 338 7.77 22.41 -9.09
CA ILE A 338 6.38 22.85 -9.25
C ILE A 338 6.17 24.20 -8.55
N MET A 339 6.66 24.33 -7.32
CA MET A 339 6.51 25.59 -6.56
C MET A 339 7.09 26.77 -7.31
N VAL A 340 8.34 26.63 -7.76
CA VAL A 340 9.02 27.69 -8.50
C VAL A 340 8.25 28.15 -9.75
N VAL A 341 7.80 27.19 -10.55
CA VAL A 341 7.04 27.50 -11.78
C VAL A 341 5.70 28.20 -11.47
N GLU A 342 4.93 27.67 -10.52
CA GLU A 342 3.66 28.27 -10.10
C GLU A 342 3.87 29.73 -9.68
N ARG A 343 4.96 29.97 -8.95
CA ARG A 343 5.30 31.33 -8.47
C ARG A 343 5.73 32.24 -9.62
N ILE A 344 6.41 31.68 -10.62
CA ILE A 344 6.76 32.47 -11.81
C ILE A 344 5.46 32.97 -12.45
N LYS A 345 4.43 32.13 -12.47
CA LYS A 345 3.12 32.51 -13.01
C LYS A 345 2.30 33.45 -12.11
N GLY A 346 2.80 33.73 -10.90
CA GLY A 346 2.10 34.63 -9.99
C GLY A 346 1.29 33.97 -8.89
N HIS A 347 1.14 32.64 -8.93
CA HIS A 347 0.41 31.91 -7.89
C HIS A 347 1.25 31.86 -6.61
N LYS A 348 0.59 31.81 -5.45
CA LYS A 348 1.30 31.77 -4.16
C LYS A 348 1.42 30.34 -3.63
N ALA A 349 2.12 29.49 -4.38
CA ALA A 349 2.34 28.10 -3.99
C ALA A 349 3.43 28.05 -2.93
N GLN A 350 3.39 27.02 -2.10
CA GLN A 350 4.36 26.87 -1.02
C GLN A 350 4.66 25.39 -0.76
N MET A 351 5.87 25.12 -0.26
CA MET A 351 6.31 23.77 0.08
C MET A 351 6.20 23.59 1.57
N ASN A 352 5.66 22.46 2.00
CA ASN A 352 5.61 22.16 3.41
C ASN A 352 6.73 21.15 3.67
N TYR A 353 7.90 21.68 3.99
CA TYR A 353 9.09 20.87 4.25
C TYR A 353 8.95 19.91 5.44
N ASP A 354 8.05 20.24 6.36
CA ASP A 354 7.78 19.39 7.53
C ASP A 354 7.09 18.08 7.16
N LEU A 355 6.35 18.04 6.05
CA LEU A 355 5.61 16.83 5.64
C LEU A 355 6.15 16.06 4.43
N ILE A 356 7.45 16.17 4.19
CA ILE A 356 8.08 15.43 3.09
C ILE A 356 8.39 14.03 3.65
N PRO A 357 7.78 12.98 3.10
CA PRO A 357 8.11 11.66 3.65
C PRO A 357 9.45 11.12 3.16
N SER A 358 9.99 10.18 3.93
CA SER A 358 11.24 9.49 3.63
C SER A 358 10.93 8.02 3.51
N VAL A 359 11.57 7.33 2.57
CA VAL A 359 11.35 5.91 2.36
C VAL A 359 12.70 5.19 2.15
N ILE A 360 12.82 4.00 2.72
CA ILE A 360 13.99 3.14 2.54
C ILE A 360 13.38 1.85 2.01
N TYR A 361 13.80 1.45 0.81
CA TYR A 361 13.23 0.32 0.08
C TYR A 361 13.86 -1.04 0.35
N THR A 362 14.34 -1.23 1.57
CA THR A 362 14.80 -2.51 2.04
C THR A 362 13.55 -3.36 2.30
N HIS A 363 13.70 -4.59 2.77
N HIS A 363 13.77 -4.60 2.75
CA HIS A 363 12.52 -5.41 3.11
CA HIS A 363 12.68 -5.45 3.22
C HIS A 363 12.85 -5.87 4.53
C HIS A 363 12.96 -5.80 4.64
N PRO A 364 12.06 -5.43 5.55
CA PRO A 364 10.83 -4.66 5.40
C PRO A 364 11.09 -3.21 4.97
N GLU A 365 10.15 -2.65 4.23
CA GLU A 365 10.24 -1.28 3.82
C GLU A 365 10.16 -0.38 5.07
N ILE A 366 10.82 0.77 5.02
CA ILE A 366 10.83 1.73 6.09
C ILE A 366 10.39 3.06 5.54
N ALA A 367 9.50 3.74 6.26
CA ALA A 367 9.06 5.07 5.85
C ALA A 367 8.60 5.90 7.04
N TRP A 368 8.66 7.22 6.89
CA TRP A 368 8.19 8.08 7.94
C TRP A 368 7.95 9.49 7.43
N VAL A 369 7.20 10.24 8.23
CA VAL A 369 6.90 11.61 7.96
C VAL A 369 6.73 12.28 9.31
N GLY A 370 7.15 13.53 9.39
CA GLY A 370 7.07 14.28 10.65
C GLY A 370 8.26 14.00 11.52
N LYS A 371 8.11 14.23 12.81
CA LYS A 371 9.22 14.10 13.74
C LYS A 371 9.33 12.77 14.44
N THR A 372 10.57 12.46 14.84
CA THR A 372 10.88 11.26 15.60
C THR A 372 10.57 11.47 17.07
N GLU A 373 10.44 10.37 17.81
CA GLU A 373 10.17 10.47 19.23
C GLU A 373 11.36 11.09 19.95
N GLN A 374 12.57 10.67 19.55
CA GLN A 374 13.77 11.20 20.22
C GLN A 374 13.94 12.71 20.00
N ALA A 375 13.55 13.22 18.83
CA ALA A 375 13.64 14.64 18.53
C ALA A 375 12.65 15.46 19.37
N LEU A 376 11.43 14.94 19.45
CA LEU A 376 10.37 15.58 20.23
C LEU A 376 10.75 15.62 21.71
N LYS A 377 11.32 14.52 22.22
CA LYS A 377 11.80 14.50 23.62
C LYS A 377 12.92 15.52 23.82
N ALA A 378 13.90 15.54 22.92
CA ALA A 378 15.01 16.49 23.02
C ALA A 378 14.53 17.95 22.96
N GLU A 379 13.43 18.21 22.26
CA GLU A 379 12.84 19.55 22.15
C GLU A 379 11.88 19.87 23.29
N GLY A 380 11.72 18.95 24.23
CA GLY A 380 10.83 19.14 25.36
C GLY A 380 9.34 19.10 25.05
N VAL A 381 8.96 18.47 23.93
CA VAL A 381 7.55 18.39 23.56
C VAL A 381 6.98 17.11 24.18
N GLU A 382 5.96 17.28 25.02
CA GLU A 382 5.30 16.17 25.69
C GLU A 382 4.44 15.44 24.66
N VAL A 383 4.62 14.13 24.54
CA VAL A 383 3.89 13.34 23.54
C VAL A 383 3.25 12.07 24.06
N ASN A 384 2.26 11.59 23.29
CA ASN A 384 1.58 10.33 23.50
C ASN A 384 1.93 9.52 22.25
N VAL A 385 2.35 8.27 22.46
CA VAL A 385 2.78 7.38 21.39
C VAL A 385 1.86 6.18 21.33
N GLY A 386 1.49 5.78 20.12
CA GLY A 386 0.66 4.62 19.87
C GLY A 386 1.41 3.74 18.88
N THR A 387 1.51 2.44 19.18
N THR A 387 1.50 2.44 19.17
CA THR A 387 2.22 1.46 18.36
CA THR A 387 2.17 1.51 18.26
C THR A 387 1.33 0.25 18.06
C THR A 387 1.30 0.29 18.04
N PHE A 388 1.43 -0.30 16.85
CA PHE A 388 0.68 -1.51 16.48
C PHE A 388 1.63 -2.37 15.66
N PRO A 389 1.82 -3.64 16.05
CA PRO A 389 2.75 -4.51 15.33
C PRO A 389 2.03 -5.28 14.25
N PHE A 390 2.69 -5.50 13.11
CA PHE A 390 2.10 -6.29 12.04
C PHE A 390 1.88 -7.75 12.45
N ALA A 391 2.51 -8.20 13.53
CA ALA A 391 2.30 -9.57 14.06
C ALA A 391 0.84 -9.76 14.48
N ALA A 392 0.15 -8.64 14.75
CA ALA A 392 -1.27 -8.68 15.12
C ALA A 392 -2.23 -8.38 13.96
N SER A 393 -1.70 -8.18 12.75
CA SER A 393 -2.51 -7.86 11.55
C SER A 393 -2.89 -9.11 10.79
N GLY A 394 -4.20 -9.32 10.65
CA GLY A 394 -4.71 -10.46 9.89
C GLY A 394 -4.25 -10.41 8.44
N ARG A 395 -4.25 -9.21 7.87
CA ARG A 395 -3.83 -9.07 6.48
C ARG A 395 -2.35 -9.44 6.32
N ALA A 396 -1.52 -8.98 7.25
CA ALA A 396 -0.09 -9.27 7.21
C ALA A 396 0.17 -10.77 7.41
N MET A 397 -0.60 -11.40 8.29
CA MET A 397 -0.49 -12.86 8.49
C MET A 397 -0.82 -13.62 7.21
N ALA A 398 -1.89 -13.21 6.55
CA ALA A 398 -2.27 -13.86 5.28
C ALA A 398 -1.16 -13.71 4.25
N ALA A 399 -0.49 -12.56 4.25
CA ALA A 399 0.61 -12.33 3.31
C ALA A 399 1.93 -13.00 3.72
N ASN A 400 1.97 -13.59 4.92
CA ASN A 400 3.18 -14.18 5.48
C ASN A 400 4.29 -13.10 5.63
N ASP A 401 3.91 -11.91 6.07
CA ASP A 401 4.88 -10.84 6.23
C ASP A 401 4.45 -9.98 7.41
N THR A 402 4.85 -10.44 8.60
CA THR A 402 4.38 -9.87 9.86
C THR A 402 5.40 -9.09 10.66
N GLY A 403 6.62 -8.96 10.12
CA GLY A 403 7.64 -8.21 10.84
C GLY A 403 7.35 -6.72 10.85
N GLY A 404 7.68 -6.05 11.96
CA GLY A 404 7.55 -4.62 12.04
C GLY A 404 6.36 -4.03 12.75
N PHE A 405 6.21 -2.72 12.59
CA PHE A 405 5.15 -2.01 13.32
C PHE A 405 4.89 -0.62 12.73
N VAL A 406 3.79 -0.02 13.20
CA VAL A 406 3.41 1.35 12.91
C VAL A 406 3.50 2.12 14.23
N LYS A 407 4.08 3.32 14.20
CA LYS A 407 4.23 4.16 15.39
C LYS A 407 3.69 5.54 15.05
N VAL A 408 2.69 6.00 15.82
CA VAL A 408 2.08 7.32 15.64
C VAL A 408 2.44 8.15 16.89
N ILE A 409 2.87 9.39 16.69
CA ILE A 409 3.26 10.27 17.79
C ILE A 409 2.37 11.51 17.75
N ALA A 410 1.70 11.83 18.85
CA ALA A 410 0.83 13.00 18.92
C ALA A 410 1.20 13.89 20.09
N ASP A 411 0.88 15.17 19.95
CA ASP A 411 1.11 16.17 21.00
C ASP A 411 0.23 15.76 22.20
N ALA A 412 0.82 15.69 23.38
CA ALA A 412 0.06 15.27 24.58
C ALA A 412 -1.07 16.23 24.96
N LYS A 413 -0.95 17.51 24.62
CA LYS A 413 -1.98 18.49 24.97
C LYS A 413 -3.05 18.66 23.90
N THR A 414 -2.64 18.83 22.64
CA THR A 414 -3.59 19.05 21.55
C THR A 414 -4.03 17.77 20.79
N ASP A 415 -3.31 16.67 20.99
CA ASP A 415 -3.56 15.40 20.29
C ASP A 415 -3.20 15.48 18.78
N ARG A 416 -2.54 16.55 18.36
CA ARG A 416 -2.18 16.72 16.95
C ARG A 416 -1.11 15.69 16.57
N VAL A 417 -1.32 14.97 15.46
CA VAL A 417 -0.30 14.00 14.99
C VAL A 417 0.92 14.77 14.55
N LEU A 418 2.08 14.40 15.11
CA LEU A 418 3.35 15.07 14.81
C LEU A 418 4.32 14.19 14.03
N GLY A 419 4.05 12.90 13.98
CA GLY A 419 4.91 11.98 13.26
C GLY A 419 4.28 10.61 13.11
N VAL A 420 4.54 9.99 11.96
CA VAL A 420 4.09 8.65 11.65
C VAL A 420 5.30 7.88 11.10
N HIS A 421 5.59 6.74 11.71
CA HIS A 421 6.77 5.94 11.40
C HIS A 421 6.38 4.50 11.21
N VAL A 422 6.80 3.92 10.09
CA VAL A 422 6.46 2.56 9.79
C VAL A 422 7.65 1.74 9.28
N ILE A 423 7.77 0.52 9.82
CA ILE A 423 8.70 -0.48 9.30
C ILE A 423 7.84 -1.72 9.09
N GLY A 424 7.66 -2.12 7.85
CA GLY A 424 6.81 -3.25 7.57
C GLY A 424 6.21 -3.15 6.19
N PRO A 425 5.28 -4.07 5.87
CA PRO A 425 4.68 -4.10 4.52
C PRO A 425 3.90 -2.82 4.18
N SER A 426 4.14 -2.32 2.98
CA SER A 426 3.50 -1.11 2.46
C SER A 426 3.74 0.11 3.33
N ALA A 427 4.92 0.16 3.95
CA ALA A 427 5.30 1.27 4.80
C ALA A 427 5.06 2.63 4.14
N ALA A 428 5.49 2.76 2.88
CA ALA A 428 5.34 4.06 2.17
C ALA A 428 3.89 4.49 1.99
N GLU A 429 3.03 3.54 1.63
CA GLU A 429 1.60 3.83 1.45
C GLU A 429 0.91 4.20 2.77
N LEU A 430 1.27 3.53 3.88
CA LEU A 430 0.67 3.86 5.16
C LEU A 430 1.17 5.23 5.64
N VAL A 431 2.46 5.50 5.40
CA VAL A 431 3.01 6.77 5.76
C VAL A 431 2.33 7.88 4.96
N GLN A 432 2.03 7.61 3.68
CA GLN A 432 1.35 8.61 2.84
C GLN A 432 -0.05 8.92 3.38
N GLN A 433 -0.73 7.90 3.92
CA GLN A 433 -2.04 8.10 4.58
C GLN A 433 -1.87 9.07 5.76
N GLY A 434 -0.82 8.83 6.54
CA GLY A 434 -0.49 9.70 7.66
C GLY A 434 -0.17 11.12 7.20
N ALA A 435 0.61 11.24 6.13
CA ALA A 435 0.99 12.58 5.61
C ALA A 435 -0.22 13.38 5.11
N ILE A 436 -1.15 12.68 4.46
CA ILE A 436 -2.38 13.30 3.97
C ILE A 436 -3.20 13.82 5.15
N ALA A 437 -3.32 13.00 6.19
CA ALA A 437 -4.04 13.38 7.39
C ALA A 437 -3.37 14.58 8.07
N MET A 438 -2.04 14.53 8.15
CA MET A 438 -1.27 15.63 8.74
C MET A 438 -1.40 16.93 7.98
N GLU A 439 -1.53 16.85 6.65
CA GLU A 439 -1.76 18.07 5.84
C GLU A 439 -3.03 18.76 6.28
N PHE A 440 -4.04 17.97 6.64
CA PHE A 440 -5.33 18.50 7.11
C PHE A 440 -5.37 18.78 8.63
N GLY A 441 -4.22 18.73 9.30
CA GLY A 441 -4.12 19.01 10.74
C GLY A 441 -4.76 17.96 11.64
N THR A 442 -4.69 16.70 11.22
CA THR A 442 -5.32 15.63 11.97
C THR A 442 -4.83 15.44 13.40
N SER A 443 -5.77 15.04 14.25
CA SER A 443 -5.48 14.63 15.60
C SER A 443 -5.40 13.11 15.49
N ALA A 444 -4.85 12.44 16.50
CA ALA A 444 -4.85 10.98 16.50
C ALA A 444 -6.29 10.47 16.57
N GLU A 445 -7.13 11.16 17.36
CA GLU A 445 -8.54 10.79 17.49
C GLU A 445 -9.26 10.84 16.13
N ASP A 446 -9.01 11.88 15.33
CA ASP A 446 -9.62 12.01 14.00
C ASP A 446 -9.36 10.73 13.19
N LEU A 447 -8.10 10.29 13.15
CA LEU A 447 -7.74 9.05 12.42
C LEU A 447 -8.48 7.84 12.99
N GLY A 448 -8.52 7.74 14.31
CA GLY A 448 -9.20 6.63 14.97
C GLY A 448 -10.70 6.55 14.68
N MET A 449 -11.33 7.68 14.41
CA MET A 449 -12.74 7.70 14.10
C MET A 449 -13.09 7.32 12.67
N MET A 450 -12.11 7.24 11.79
CA MET A 450 -12.38 6.91 10.39
C MET A 450 -12.53 5.40 10.18
N VAL A 451 -13.24 5.05 9.11
CA VAL A 451 -13.46 3.67 8.76
C VAL A 451 -12.35 3.19 7.83
N PHE A 452 -11.60 2.21 8.29
CA PHE A 452 -10.54 1.59 7.50
C PHE A 452 -11.02 0.22 7.06
N SER A 453 -10.82 -0.09 5.78
CA SER A 453 -11.18 -1.39 5.21
C SER A 453 -10.53 -2.54 5.95
N HIS A 454 -11.28 -3.64 6.09
CA HIS A 454 -10.78 -4.85 6.78
C HIS A 454 -10.96 -6.04 5.85
N PRO A 455 -9.93 -6.89 5.69
CA PRO A 455 -8.62 -6.79 6.32
C PRO A 455 -7.64 -6.04 5.38
N THR A 456 -6.91 -5.05 5.89
CA THR A 456 -5.91 -4.35 5.08
C THR A 456 -4.76 -3.97 5.96
N LEU A 457 -3.61 -3.76 5.33
CA LEU A 457 -2.43 -3.31 6.05
C LEU A 457 -2.70 -1.93 6.67
N SER A 458 -3.53 -1.14 6.01
CA SER A 458 -3.88 0.21 6.50
C SER A 458 -4.44 0.21 7.91
N GLU A 459 -5.09 -0.88 8.28
CA GLU A 459 -5.65 -1.00 9.62
C GLU A 459 -4.61 -0.82 10.70
N ALA A 460 -3.34 -1.15 10.40
CA ALA A 460 -2.27 -0.99 11.41
C ALA A 460 -2.08 0.48 11.80
N LEU A 461 -2.24 1.38 10.83
CA LEU A 461 -2.17 2.81 11.09
C LEU A 461 -3.38 3.22 11.95
N HIS A 462 -4.56 2.71 11.60
CA HIS A 462 -5.79 2.99 12.37
C HIS A 462 -5.62 2.57 13.82
N GLU A 463 -5.11 1.36 14.05
CA GLU A 463 -4.92 0.86 15.42
C GLU A 463 -3.86 1.66 16.18
N ALA A 464 -2.75 2.02 15.51
CA ALA A 464 -1.70 2.80 16.15
C ALA A 464 -2.26 4.16 16.58
N ALA A 465 -3.07 4.79 15.72
CA ALA A 465 -3.70 6.07 16.04
C ALA A 465 -4.56 5.93 17.29
N LEU A 466 -5.35 4.87 17.35
CA LEU A 466 -6.19 4.60 18.51
C LEU A 466 -5.35 4.37 19.78
N ALA A 467 -4.21 3.67 19.63
CA ALA A 467 -3.33 3.35 20.74
C ALA A 467 -2.70 4.60 21.37
N VAL A 468 -2.64 5.69 20.60
CA VAL A 468 -2.12 6.96 21.13
C VAL A 468 -2.86 7.33 22.42
N ASN A 469 -4.18 7.19 22.39
CA ASN A 469 -5.03 7.54 23.53
C ASN A 469 -5.56 6.30 24.29
N GLY A 470 -4.82 5.19 24.20
CA GLY A 470 -5.18 3.96 24.89
C GLY A 470 -6.47 3.30 24.45
N GLY A 471 -6.87 3.53 23.20
CA GLY A 471 -8.12 2.97 22.69
C GLY A 471 -7.98 1.93 21.58
N ALA A 472 -6.81 1.32 21.44
CA ALA A 472 -6.65 0.30 20.38
C ALA A 472 -7.54 -0.88 20.72
N ILE A 473 -8.07 -1.50 19.68
CA ILE A 473 -8.95 -2.64 19.86
C ILE A 473 -8.16 -3.94 19.89
N HIS A 474 -7.23 -4.09 18.94
CA HIS A 474 -6.49 -5.36 18.73
C HIS A 474 -5.15 -5.58 19.41
N VAL A 475 -4.79 -4.67 20.32
CA VAL A 475 -3.65 -4.88 21.20
C VAL A 475 -4.09 -4.35 22.55
N ALA A 476 -3.56 -4.95 23.61
CA ALA A 476 -3.87 -4.50 24.96
C ALA A 476 -3.32 -3.07 25.10
N ASN A 477 -4.07 -2.23 25.82
CA ASN A 477 -3.68 -0.85 26.06
C ASN A 477 -3.14 -0.78 27.48
N ARG A 478 -1.82 -0.63 27.60
CA ARG A 478 -1.13 -0.57 28.90
C ARG A 478 -0.34 0.71 29.03
N MET B 4 -28.49 -14.75 42.13
CA MET B 4 -27.81 -15.57 41.09
C MET B 4 -27.99 -15.01 39.66
N THR B 5 -29.00 -14.16 39.46
CA THR B 5 -29.26 -13.55 38.15
C THR B 5 -28.15 -12.56 37.76
N GLN B 6 -27.43 -12.85 36.67
CA GLN B 6 -26.35 -11.97 36.20
C GLN B 6 -26.94 -10.70 35.55
N LYS B 7 -26.35 -9.55 35.88
CA LYS B 7 -26.76 -8.25 35.32
C LYS B 7 -25.57 -7.59 34.62
N PHE B 8 -25.80 -7.09 33.41
CA PHE B 8 -24.75 -6.41 32.63
C PHE B 8 -25.24 -5.07 32.10
N ASP B 9 -24.29 -4.16 31.90
CA ASP B 9 -24.59 -2.88 31.27
C ASP B 9 -24.87 -3.11 29.78
N VAL B 10 -24.10 -4.03 29.20
CA VAL B 10 -24.21 -4.34 27.77
C VAL B 10 -24.12 -5.84 27.56
N VAL B 11 -25.06 -6.40 26.80
CA VAL B 11 -25.03 -7.81 26.39
C VAL B 11 -25.00 -7.80 24.88
N VAL B 12 -23.95 -8.41 24.31
CA VAL B 12 -23.78 -8.49 22.88
C VAL B 12 -24.10 -9.92 22.45
N ILE B 13 -24.93 -10.07 21.42
CA ILE B 13 -25.23 -11.41 20.86
C ILE B 13 -24.49 -11.53 19.54
N GLY B 14 -23.47 -12.38 19.52
CA GLY B 14 -22.65 -12.59 18.35
C GLY B 14 -21.25 -12.05 18.59
N ALA B 15 -20.23 -12.81 18.18
CA ALA B 15 -18.83 -12.36 18.36
C ALA B 15 -18.02 -12.24 17.06
N GLY B 16 -18.71 -11.79 16.01
CA GLY B 16 -18.06 -11.47 14.75
C GLY B 16 -17.45 -10.08 14.86
N PRO B 17 -16.91 -9.56 13.74
CA PRO B 17 -16.31 -8.21 13.77
C PRO B 17 -17.22 -7.16 14.38
N GLY B 18 -18.52 -7.30 14.20
CA GLY B 18 -19.44 -6.38 14.87
C GLY B 18 -19.46 -6.56 16.39
N GLY B 19 -19.84 -7.74 16.82
CA GLY B 19 -20.01 -8.02 18.23
C GLY B 19 -18.79 -8.03 19.12
N TYR B 20 -17.68 -8.59 18.64
CA TYR B 20 -16.51 -8.68 19.51
C TYR B 20 -15.85 -7.32 19.65
N VAL B 21 -15.87 -6.51 18.59
CA VAL B 21 -15.31 -5.16 18.67
C VAL B 21 -16.18 -4.32 19.62
N ALA B 22 -17.50 -4.38 19.45
CA ALA B 22 -18.42 -3.65 20.34
C ALA B 22 -18.18 -4.03 21.83
N ALA B 23 -18.01 -5.32 22.09
CA ALA B 23 -17.78 -5.81 23.44
C ALA B 23 -16.47 -5.25 24.04
N ILE B 24 -15.40 -5.29 23.25
CA ILE B 24 -14.11 -4.76 23.71
C ILE B 24 -14.24 -3.28 23.99
N LYS B 25 -14.85 -2.55 23.06
CA LYS B 25 -14.99 -1.11 23.23
C LYS B 25 -15.82 -0.79 24.47
N ALA B 26 -16.93 -1.51 24.65
CA ALA B 26 -17.81 -1.30 25.83
C ALA B 26 -17.02 -1.49 27.13
N ALA B 27 -16.23 -2.55 27.17
CA ALA B 27 -15.42 -2.85 28.34
C ALA B 27 -14.36 -1.76 28.56
N GLN B 28 -13.77 -1.25 27.48
CA GLN B 28 -12.78 -0.19 27.58
C GLN B 28 -13.40 1.09 28.13
N LEU B 29 -14.67 1.31 27.83
CA LEU B 29 -15.37 2.50 28.31
C LEU B 29 -15.95 2.32 29.72
N GLY B 30 -15.60 1.24 30.41
CA GLY B 30 -16.05 1.01 31.79
C GLY B 30 -17.43 0.39 31.97
N LEU B 31 -17.97 -0.20 30.91
CA LEU B 31 -19.29 -0.85 30.98
C LEU B 31 -19.10 -2.34 31.23
N LYS B 32 -19.87 -2.89 32.18
CA LYS B 32 -19.80 -4.32 32.49
C LYS B 32 -20.46 -5.01 31.30
N THR B 33 -19.67 -5.80 30.61
CA THR B 33 -20.09 -6.34 29.31
C THR B 33 -20.00 -7.84 29.18
N ALA B 34 -20.98 -8.42 28.51
CA ALA B 34 -21.00 -9.85 28.22
C ALA B 34 -21.17 -10.00 26.73
N CYS B 35 -20.61 -11.07 26.17
CA CYS B 35 -20.74 -11.35 24.74
C CYS B 35 -21.08 -12.81 24.61
N ILE B 36 -22.18 -13.08 23.93
CA ILE B 36 -22.68 -14.44 23.79
C ILE B 36 -22.38 -14.95 22.39
N GLU B 37 -21.81 -16.14 22.29
CA GLU B 37 -21.46 -16.71 21.00
C GLU B 37 -21.59 -18.22 21.03
N LYS B 38 -22.13 -18.76 19.95
CA LYS B 38 -22.41 -20.19 19.85
C LYS B 38 -21.42 -21.01 19.09
N TYR B 39 -20.60 -20.35 18.28
CA TYR B 39 -19.68 -21.08 17.40
C TYR B 39 -18.54 -21.79 18.13
N THR B 40 -18.28 -23.04 17.72
CA THR B 40 -17.17 -23.81 18.28
C THR B 40 -16.26 -24.30 17.17
N ASP B 41 -14.98 -24.44 17.48
CA ASP B 41 -13.97 -24.87 16.52
C ASP B 41 -13.91 -26.41 16.48
N ALA B 42 -12.91 -26.95 15.78
CA ALA B 42 -12.77 -28.43 15.62
C ALA B 42 -12.51 -29.18 16.92
N GLU B 43 -12.04 -28.47 17.96
CA GLU B 43 -11.80 -29.08 19.27
C GLU B 43 -13.06 -28.98 20.16
N GLY B 44 -14.15 -28.42 19.62
CA GLY B 44 -15.38 -28.27 20.38
C GLY B 44 -15.32 -27.12 21.38
N LYS B 45 -14.41 -26.19 21.17
CA LYS B 45 -14.25 -25.05 22.07
C LYS B 45 -14.77 -23.77 21.44
N LEU B 46 -15.28 -22.89 22.30
CA LEU B 46 -15.77 -21.58 21.88
C LEU B 46 -14.74 -20.92 20.99
N ALA B 47 -15.18 -20.43 19.82
CA ALA B 47 -14.27 -19.75 18.90
C ALA B 47 -14.91 -18.43 18.50
N LEU B 48 -14.22 -17.34 18.79
CA LEU B 48 -14.71 -16.01 18.51
C LEU B 48 -14.26 -15.55 17.13
N GLY B 49 -14.79 -14.41 16.70
CA GLY B 49 -14.37 -13.83 15.42
C GLY B 49 -15.36 -13.90 14.29
N GLY B 50 -16.41 -14.70 14.46
CA GLY B 50 -17.49 -14.81 13.47
C GLY B 50 -17.11 -15.34 12.11
N THR B 51 -17.90 -14.96 11.11
CA THR B 51 -17.70 -15.36 9.72
C THR B 51 -16.34 -14.89 9.21
N CYS B 52 -16.08 -13.63 9.48
CA CYS B 52 -14.89 -12.97 9.03
C CYS B 52 -13.60 -13.75 9.35
N LEU B 53 -13.41 -14.08 10.62
CA LEU B 53 -12.24 -14.77 11.05
C LEU B 53 -12.23 -16.26 10.71
N ASN B 54 -13.34 -16.94 10.95
CA ASN B 54 -13.41 -18.39 10.80
C ASN B 54 -13.64 -18.98 9.42
N VAL B 55 -14.48 -18.35 8.60
CA VAL B 55 -14.82 -18.92 7.27
C VAL B 55 -15.01 -17.86 6.19
N GLY B 56 -14.48 -16.67 6.44
CA GLY B 56 -14.70 -15.55 5.53
C GLY B 56 -13.47 -14.79 5.08
N CYS B 57 -13.34 -13.53 5.55
CA CYS B 57 -12.26 -12.65 5.11
C CYS B 57 -10.89 -13.28 5.25
N ILE B 58 -10.55 -13.70 6.48
CA ILE B 58 -9.21 -14.17 6.73
C ILE B 58 -8.83 -15.43 5.96
N PRO B 59 -9.64 -16.48 6.05
CA PRO B 59 -9.27 -17.67 5.28
C PRO B 59 -9.18 -17.42 3.78
N SER B 60 -10.09 -16.61 3.24
CA SER B 60 -10.08 -16.32 1.79
C SER B 60 -8.82 -15.53 1.42
N LYS B 61 -8.47 -14.53 2.22
CA LYS B 61 -7.25 -13.76 1.91
C LYS B 61 -5.98 -14.65 1.96
N ALA B 62 -5.92 -15.60 2.90
CA ALA B 62 -4.79 -16.48 3.02
C ALA B 62 -4.61 -17.31 1.75
N LEU B 63 -5.71 -17.88 1.26
CA LEU B 63 -5.66 -18.69 0.03
C LEU B 63 -5.37 -17.83 -1.19
N LEU B 64 -5.92 -16.62 -1.23
CA LEU B 64 -5.63 -15.71 -2.37
C LEU B 64 -4.14 -15.36 -2.43
N ASP B 65 -3.53 -15.07 -1.29
CA ASP B 65 -2.10 -14.71 -1.27
C ASP B 65 -1.21 -15.92 -1.64
N SER B 66 -1.55 -17.10 -1.11
CA SER B 66 -0.79 -18.31 -1.44
C SER B 66 -0.91 -18.67 -2.91
N SER B 67 -2.12 -18.64 -3.44
CA SER B 67 -2.35 -19.00 -4.84
C SER B 67 -1.73 -18.01 -5.80
N TRP B 68 -1.70 -16.72 -5.42
CA TRP B 68 -1.06 -15.73 -6.27
C TRP B 68 0.45 -15.99 -6.36
N LYS B 69 1.08 -16.32 -5.22
CA LYS B 69 2.53 -16.58 -5.23
C LYS B 69 2.87 -17.73 -6.15
N TYR B 70 2.02 -18.75 -6.17
CA TYR B 70 2.18 -19.89 -7.04
C TYR B 70 2.09 -19.48 -8.51
N LYS B 71 1.06 -18.69 -8.83
CA LYS B 71 0.87 -18.24 -10.20
C LYS B 71 2.06 -17.37 -10.64
N GLU B 72 2.50 -16.47 -9.77
CA GLU B 72 3.61 -15.57 -10.12
C GLU B 72 4.89 -16.39 -10.37
N ALA B 73 5.18 -17.35 -9.48
CA ALA B 73 6.36 -18.21 -9.64
C ALA B 73 6.35 -18.94 -10.98
N LYS B 74 5.17 -19.43 -11.37
CA LYS B 74 5.01 -20.13 -12.65
C LYS B 74 5.12 -19.27 -13.89
N GLU B 75 4.61 -18.05 -13.84
CA GLU B 75 4.51 -17.22 -15.03
C GLU B 75 5.30 -15.94 -15.11
N SER B 76 5.72 -15.40 -13.98
CA SER B 76 6.34 -14.08 -13.96
C SER B 76 7.67 -13.96 -13.25
N PHE B 77 8.40 -15.06 -13.12
CA PHE B 77 9.70 -15.05 -12.49
C PHE B 77 10.83 -14.93 -13.49
N ASN B 78 10.65 -15.50 -14.68
CA ASN B 78 11.67 -15.46 -15.74
C ASN B 78 12.05 -14.04 -16.15
N VAL B 79 11.10 -13.11 -16.14
CA VAL B 79 11.39 -11.72 -16.52
C VAL B 79 12.40 -11.06 -15.57
N HIS B 80 12.43 -11.50 -14.32
CA HIS B 80 13.38 -11.00 -13.32
C HIS B 80 14.74 -11.72 -13.39
N GLY B 81 14.88 -12.68 -14.30
CA GLY B 81 16.05 -13.51 -14.45
C GLY B 81 16.04 -14.76 -13.58
N ILE B 82 14.91 -15.02 -12.95
CA ILE B 82 14.79 -16.12 -12.02
C ILE B 82 14.25 -17.38 -12.70
N SER B 83 15.00 -18.46 -12.56
CA SER B 83 14.51 -19.74 -13.07
C SER B 83 14.24 -20.63 -11.87
N THR B 84 13.23 -21.49 -12.03
CA THR B 84 12.83 -22.44 -11.02
C THR B 84 12.68 -23.79 -11.70
N GLY B 85 12.59 -24.86 -10.93
CA GLY B 85 12.30 -26.16 -11.56
C GLY B 85 10.80 -26.12 -11.82
N GLU B 86 10.15 -27.28 -11.74
CA GLU B 86 8.73 -27.32 -11.91
C GLU B 86 8.13 -26.72 -10.63
N VAL B 87 7.15 -25.84 -10.78
CA VAL B 87 6.48 -25.23 -9.62
C VAL B 87 5.30 -26.12 -9.22
N LYS B 88 5.23 -26.51 -7.94
CA LYS B 88 4.17 -27.37 -7.45
C LYS B 88 3.46 -26.82 -6.22
N MET B 89 2.21 -27.23 -6.01
CA MET B 89 1.43 -26.80 -4.85
C MET B 89 0.93 -27.98 -4.02
N ASP B 90 1.34 -28.00 -2.76
CA ASP B 90 0.87 -28.95 -1.77
C ASP B 90 -0.38 -28.26 -1.23
N VAL B 91 -1.55 -28.62 -1.80
CA VAL B 91 -2.82 -27.99 -1.40
C VAL B 91 -3.10 -28.13 0.09
N ALA B 92 -2.82 -29.30 0.63
CA ALA B 92 -3.05 -29.55 2.06
C ALA B 92 -2.23 -28.60 2.92
N ALA B 93 -0.98 -28.37 2.55
CA ALA B 93 -0.11 -27.45 3.29
C ALA B 93 -0.63 -26.02 3.20
N MET B 94 -1.17 -25.66 2.04
CA MET B 94 -1.72 -24.32 1.87
C MET B 94 -2.93 -24.12 2.79
N VAL B 95 -3.79 -25.12 2.83
CA VAL B 95 -4.99 -25.04 3.63
C VAL B 95 -4.58 -25.09 5.10
N GLY B 96 -3.55 -25.85 5.42
CA GLY B 96 -3.06 -25.92 6.80
C GLY B 96 -2.50 -24.59 7.31
N ARG B 97 -1.83 -23.86 6.44
CA ARG B 97 -1.29 -22.54 6.82
C ARG B 97 -2.46 -21.64 7.19
N LYS B 98 -3.49 -21.69 6.37
CA LYS B 98 -4.72 -20.92 6.59
C LYS B 98 -5.36 -21.30 7.92
N ALA B 99 -5.45 -22.61 8.19
CA ALA B 99 -6.05 -23.07 9.44
C ALA B 99 -5.26 -22.57 10.65
N GLY B 100 -3.94 -22.54 10.53
CA GLY B 100 -3.06 -22.04 11.61
C GLY B 100 -3.27 -20.55 11.89
N ILE B 101 -3.45 -19.77 10.82
CA ILE B 101 -3.70 -18.33 10.95
C ILE B 101 -5.02 -18.08 11.69
N VAL B 102 -6.05 -18.80 11.27
CA VAL B 102 -7.36 -18.70 11.93
C VAL B 102 -7.27 -19.04 13.42
N LYS B 103 -6.59 -20.13 13.75
CA LYS B 103 -6.43 -20.55 15.13
C LYS B 103 -5.73 -19.47 15.95
N ASN B 104 -4.68 -18.87 15.38
CA ASN B 104 -3.92 -17.83 16.05
C ASN B 104 -4.83 -16.61 16.33
N LEU B 105 -5.57 -16.21 15.32
CA LEU B 105 -6.40 -15.01 15.45
C LEU B 105 -7.59 -15.20 16.38
N THR B 106 -8.25 -16.36 16.35
CA THR B 106 -9.35 -16.62 17.28
C THR B 106 -8.85 -16.63 18.72
N GLY B 107 -7.65 -17.18 18.93
CA GLY B 107 -7.01 -17.18 20.24
C GLY B 107 -6.73 -15.75 20.67
N GLY B 108 -6.31 -14.94 19.70
CA GLY B 108 -6.05 -13.52 19.93
C GLY B 108 -7.27 -12.76 20.41
N VAL B 109 -8.44 -13.03 19.83
CA VAL B 109 -9.68 -12.35 20.29
C VAL B 109 -10.03 -12.76 21.73
N ALA B 110 -9.89 -14.05 22.03
CA ALA B 110 -10.13 -14.55 23.41
C ALA B 110 -9.21 -13.82 24.41
N THR B 111 -7.96 -13.65 24.02
CA THR B 111 -6.97 -12.92 24.83
C THR B 111 -7.40 -11.47 25.05
N LEU B 112 -7.88 -10.81 23.99
CA LEU B 112 -8.34 -9.42 24.10
C LEU B 112 -9.54 -9.30 25.03
N PHE B 113 -10.48 -10.24 24.91
CA PHE B 113 -11.64 -10.29 25.83
C PHE B 113 -11.19 -10.39 27.29
N LYS B 114 -10.25 -11.29 27.55
CA LYS B 114 -9.75 -11.49 28.91
C LYS B 114 -9.03 -10.22 29.41
N ALA B 115 -8.15 -9.64 28.59
CA ALA B 115 -7.40 -8.42 28.99
C ALA B 115 -8.33 -7.24 29.27
N ASN B 116 -9.44 -7.16 28.54
CA ASN B 116 -10.41 -6.07 28.70
C ASN B 116 -11.52 -6.31 29.72
N GLY B 117 -11.65 -7.54 30.20
CA GLY B 117 -12.66 -7.88 31.19
C GLY B 117 -14.03 -8.19 30.60
N VAL B 118 -14.07 -8.58 29.33
CA VAL B 118 -15.33 -8.95 28.71
C VAL B 118 -15.72 -10.33 29.23
N THR B 119 -16.97 -10.49 29.63
CA THR B 119 -17.46 -11.81 30.04
C THR B 119 -17.93 -12.55 28.79
N SER B 120 -17.25 -13.63 28.48
CA SER B 120 -17.54 -14.44 27.34
C SER B 120 -18.53 -15.51 27.78
N ILE B 121 -19.64 -15.66 27.07
CA ILE B 121 -20.63 -16.71 27.42
C ILE B 121 -20.88 -17.56 26.19
N GLN B 122 -20.52 -18.84 26.25
CA GLN B 122 -20.77 -19.73 25.13
C GLN B 122 -22.23 -20.15 25.15
N GLY B 123 -22.90 -20.02 24.01
CA GLY B 123 -24.28 -20.43 23.87
C GLY B 123 -25.04 -19.64 22.82
N HIS B 124 -26.33 -19.95 22.71
CA HIS B 124 -27.23 -19.29 21.79
C HIS B 124 -27.99 -18.26 22.61
N GLY B 125 -27.98 -17.01 22.17
CA GLY B 125 -28.68 -15.93 22.86
C GLY B 125 -29.98 -15.59 22.17
N LYS B 126 -31.02 -15.32 22.97
CA LYS B 126 -32.32 -14.91 22.46
C LYS B 126 -32.79 -13.72 23.29
N LEU B 127 -33.16 -12.65 22.59
CA LEU B 127 -33.65 -11.45 23.23
C LEU B 127 -35.11 -11.67 23.62
N LEU B 128 -35.41 -11.49 24.90
CA LEU B 128 -36.78 -11.60 25.39
C LEU B 128 -37.30 -10.19 25.59
N ALA B 129 -38.55 -10.08 26.03
CA ALA B 129 -39.13 -8.79 26.34
C ALA B 129 -38.37 -8.24 27.56
N GLY B 130 -38.31 -6.92 27.67
CA GLY B 130 -37.67 -6.26 28.82
C GLY B 130 -36.15 -6.28 28.86
N LYS B 131 -35.53 -6.45 27.69
CA LYS B 131 -34.06 -6.51 27.56
C LYS B 131 -33.40 -7.63 28.38
N LYS B 132 -34.15 -8.71 28.59
CA LYS B 132 -33.62 -9.90 29.25
C LYS B 132 -33.14 -10.78 28.10
N VAL B 133 -32.04 -11.48 28.30
CA VAL B 133 -31.52 -12.34 27.26
C VAL B 133 -31.45 -13.76 27.77
N GLU B 134 -32.04 -14.67 27.01
CA GLU B 134 -32.02 -16.08 27.36
C GLU B 134 -30.86 -16.72 26.67
N VAL B 135 -29.97 -17.32 27.44
CA VAL B 135 -28.81 -18.00 26.88
C VAL B 135 -28.98 -19.51 27.01
N THR B 136 -29.01 -20.21 25.88
CA THR B 136 -29.08 -21.67 25.83
C THR B 136 -27.63 -22.10 25.74
N LYS B 137 -27.09 -22.59 26.86
CA LYS B 137 -25.68 -23.02 26.93
C LYS B 137 -25.41 -24.29 26.11
N ALA B 138 -24.13 -24.58 25.92
CA ALA B 138 -23.71 -25.74 25.11
C ALA B 138 -24.31 -27.08 25.60
N ASP B 139 -24.58 -27.18 26.90
CA ASP B 139 -25.18 -28.42 27.45
C ASP B 139 -26.72 -28.40 27.56
N GLY B 140 -27.38 -27.39 26.99
CA GLY B 140 -28.85 -27.30 27.05
C GLY B 140 -29.38 -26.46 28.20
N THR B 141 -28.54 -26.23 29.21
CA THR B 141 -28.94 -25.40 30.33
C THR B 141 -29.36 -24.01 29.79
N THR B 142 -30.48 -23.48 30.27
CA THR B 142 -30.87 -22.13 29.88
C THR B 142 -30.65 -21.24 31.09
N GLU B 143 -30.27 -20.01 30.83
CA GLU B 143 -30.07 -19.05 31.89
C GLU B 143 -30.52 -17.71 31.33
N VAL B 144 -31.18 -16.92 32.17
CA VAL B 144 -31.63 -15.62 31.75
C VAL B 144 -30.75 -14.57 32.41
N ILE B 145 -30.22 -13.64 31.61
CA ILE B 145 -29.41 -12.55 32.14
C ILE B 145 -30.13 -11.24 31.82
N GLU B 146 -29.85 -10.22 32.63
CA GLU B 146 -30.49 -8.91 32.44
C GLU B 146 -29.48 -7.92 31.87
N ALA B 147 -29.92 -7.12 30.91
CA ALA B 147 -29.08 -6.15 30.26
C ALA B 147 -29.70 -4.77 30.25
N GLU B 148 -28.88 -3.75 30.52
CA GLU B 148 -29.34 -2.36 30.44
C GLU B 148 -29.40 -1.99 28.94
N ASN B 149 -28.54 -2.62 28.13
CA ASN B 149 -28.46 -2.39 26.70
C ASN B 149 -28.16 -3.71 26.01
N VAL B 150 -28.78 -3.95 24.85
CA VAL B 150 -28.52 -5.17 24.08
C VAL B 150 -28.05 -4.81 22.67
N ILE B 151 -27.00 -5.48 22.21
CA ILE B 151 -26.46 -5.29 20.87
C ILE B 151 -26.62 -6.60 20.10
N LEU B 152 -27.45 -6.58 19.08
CA LEU B 152 -27.69 -7.74 18.24
C LEU B 152 -26.70 -7.71 17.08
N ALA B 153 -25.86 -8.74 16.99
CA ALA B 153 -24.83 -8.80 15.94
C ALA B 153 -24.68 -10.23 15.47
N SER B 154 -25.82 -10.78 15.04
CA SER B 154 -25.92 -12.20 14.65
C SER B 154 -25.44 -12.55 13.25
N GLY B 155 -25.09 -11.55 12.46
CA GLY B 155 -24.48 -11.79 11.17
C GLY B 155 -25.38 -12.34 10.07
N SER B 156 -24.75 -13.06 9.15
CA SER B 156 -25.40 -13.59 7.98
C SER B 156 -24.94 -14.99 7.71
N ARG B 157 -25.53 -15.60 6.69
CA ARG B 157 -25.19 -16.94 6.26
C ARG B 157 -25.41 -16.99 4.75
N PRO B 158 -24.80 -17.97 4.08
CA PRO B 158 -25.00 -18.07 2.64
C PRO B 158 -26.44 -18.40 2.25
N ILE B 159 -26.88 -17.86 1.12
CA ILE B 159 -28.17 -18.16 0.57
C ILE B 159 -28.03 -19.52 -0.14
N ASP B 160 -29.00 -20.40 0.09
CA ASP B 160 -29.05 -21.74 -0.49
C ASP B 160 -30.27 -21.70 -1.44
N ILE B 161 -30.08 -22.11 -2.68
CA ILE B 161 -31.15 -22.05 -3.68
C ILE B 161 -31.56 -23.46 -4.15
N PRO B 162 -32.88 -23.68 -4.37
CA PRO B 162 -33.36 -25.02 -4.78
C PRO B 162 -32.69 -25.64 -6.02
N PRO B 163 -32.29 -24.84 -7.03
CA PRO B 163 -31.64 -25.43 -8.20
C PRO B 163 -30.29 -26.13 -7.95
N ALA B 164 -29.59 -25.75 -6.87
CA ALA B 164 -28.29 -26.34 -6.55
C ALA B 164 -28.06 -26.38 -5.04
N PRO B 165 -28.74 -27.33 -4.35
CA PRO B 165 -28.58 -27.42 -2.92
C PRO B 165 -27.20 -27.91 -2.53
N VAL B 166 -26.60 -27.25 -1.54
CA VAL B 166 -25.28 -27.62 -1.05
C VAL B 166 -25.35 -29.00 -0.39
N ASP B 167 -24.38 -29.86 -0.70
CA ASP B 167 -24.28 -31.19 -0.08
C ASP B 167 -22.92 -31.37 0.64
N GLN B 168 -22.15 -30.26 0.71
CA GLN B 168 -20.84 -30.21 1.35
C GLN B 168 -19.77 -31.15 0.76
N ASN B 169 -20.01 -31.64 -0.45
CA ASN B 169 -19.09 -32.56 -1.12
C ASN B 169 -18.87 -32.06 -2.53
N VAL B 170 -19.81 -32.32 -3.43
CA VAL B 170 -19.68 -31.86 -4.82
C VAL B 170 -20.20 -30.42 -4.99
N ILE B 171 -21.23 -30.06 -4.24
CA ILE B 171 -21.79 -28.71 -4.28
C ILE B 171 -21.55 -28.10 -2.91
N VAL B 172 -20.79 -27.00 -2.89
CA VAL B 172 -20.42 -26.35 -1.63
C VAL B 172 -20.76 -24.89 -1.61
N ASP B 173 -20.76 -24.31 -0.41
CA ASP B 173 -20.91 -22.87 -0.30
C ASP B 173 -19.48 -22.35 -0.08
N SER B 174 -19.33 -21.08 0.29
CA SER B 174 -18.02 -20.49 0.48
C SER B 174 -17.19 -21.22 1.55
N THR B 175 -17.84 -21.77 2.57
CA THR B 175 -17.12 -22.49 3.62
C THR B 175 -16.41 -23.72 3.04
N GLY B 176 -17.14 -24.53 2.28
CA GLY B 176 -16.54 -25.72 1.64
C GLY B 176 -15.49 -25.38 0.59
N ALA B 177 -15.66 -24.26 -0.10
CA ALA B 177 -14.73 -23.80 -1.15
C ALA B 177 -13.32 -23.52 -0.61
N LEU B 178 -13.24 -23.21 0.67
CA LEU B 178 -11.96 -22.93 1.32
C LEU B 178 -11.31 -24.18 1.92
N GLU B 179 -11.92 -25.35 1.72
N GLU B 179 -11.93 -25.35 1.73
CA GLU B 179 -11.48 -26.60 2.31
CA GLU B 179 -11.47 -26.62 2.30
C GLU B 179 -11.24 -27.71 1.30
C GLU B 179 -11.22 -27.71 1.30
N PHE B 180 -11.25 -27.40 0.00
CA PHE B 180 -10.98 -28.45 -0.99
C PHE B 180 -9.59 -29.05 -0.70
N GLN B 181 -9.49 -30.36 -0.87
CA GLN B 181 -8.25 -31.09 -0.65
C GLN B 181 -7.41 -31.19 -1.91
N ALA B 182 -8.05 -30.97 -3.05
CA ALA B 182 -7.40 -31.07 -4.33
C ALA B 182 -7.97 -30.02 -5.28
N VAL B 183 -7.18 -29.65 -6.28
CA VAL B 183 -7.63 -28.69 -7.26
C VAL B 183 -8.69 -29.37 -8.13
N PRO B 184 -9.94 -28.86 -8.14
CA PRO B 184 -10.95 -29.48 -9.00
C PRO B 184 -10.57 -29.28 -10.44
N LYS B 185 -10.63 -30.33 -11.24
CA LYS B 185 -10.24 -30.20 -12.64
C LYS B 185 -11.17 -29.20 -13.35
N ARG B 186 -12.47 -29.29 -13.07
CA ARG B 186 -13.50 -28.40 -13.63
C ARG B 186 -14.28 -27.84 -12.43
N LEU B 187 -14.23 -26.52 -12.26
CA LEU B 187 -14.90 -25.84 -11.15
C LEU B 187 -15.94 -24.88 -11.67
N GLY B 188 -17.15 -25.00 -11.17
CA GLY B 188 -18.20 -24.08 -11.52
C GLY B 188 -18.44 -23.17 -10.33
N VAL B 189 -18.84 -21.94 -10.60
CA VAL B 189 -19.18 -20.98 -9.57
C VAL B 189 -20.47 -20.30 -10.01
N ILE B 190 -21.50 -20.33 -9.14
CA ILE B 190 -22.76 -19.64 -9.41
C ILE B 190 -22.67 -18.29 -8.67
N GLY B 191 -22.69 -17.21 -9.45
CA GLY B 191 -22.60 -15.86 -8.93
C GLY B 191 -21.24 -15.25 -9.20
N ALA B 192 -21.25 -14.09 -9.88
CA ALA B 192 -20.02 -13.35 -10.20
C ALA B 192 -19.84 -12.16 -9.25
N GLY B 193 -20.24 -12.32 -8.00
CA GLY B 193 -20.04 -11.28 -7.00
C GLY B 193 -18.63 -11.38 -6.45
N VAL B 194 -18.33 -10.53 -5.46
CA VAL B 194 -16.99 -10.50 -4.86
C VAL B 194 -16.54 -11.89 -4.38
N ILE B 195 -17.39 -12.57 -3.63
CA ILE B 195 -17.05 -13.89 -3.10
C ILE B 195 -16.79 -14.91 -4.21
N GLY B 196 -17.66 -14.93 -5.22
CA GLY B 196 -17.50 -15.87 -6.32
C GLY B 196 -16.19 -15.66 -7.08
N LEU B 197 -15.89 -14.40 -7.38
CA LEU B 197 -14.68 -14.05 -8.12
C LEU B 197 -13.43 -14.36 -7.31
N GLU B 198 -13.48 -14.12 -6.00
CA GLU B 198 -12.32 -14.41 -5.14
C GLU B 198 -12.04 -15.91 -5.07
N LEU B 199 -13.09 -16.69 -4.80
CA LEU B 199 -12.97 -18.15 -4.70
C LEU B 199 -12.57 -18.79 -6.03
N GLY B 200 -13.18 -18.34 -7.13
CA GLY B 200 -12.82 -18.83 -8.43
C GLY B 200 -11.38 -18.51 -8.78
N SER B 201 -10.90 -17.35 -8.34
CA SER B 201 -9.51 -16.94 -8.62
C SER B 201 -8.51 -17.89 -7.95
N VAL B 202 -8.76 -18.23 -6.69
CA VAL B 202 -7.89 -19.13 -5.93
C VAL B 202 -7.63 -20.41 -6.70
N TRP B 203 -8.71 -21.07 -7.13
CA TRP B 203 -8.61 -22.37 -7.80
C TRP B 203 -8.18 -22.24 -9.27
N ALA B 204 -8.53 -21.15 -9.96
CA ALA B 204 -8.07 -20.97 -11.36
C ALA B 204 -6.54 -20.85 -11.35
N ARG B 205 -6.00 -20.10 -10.40
CA ARG B 205 -4.55 -19.97 -10.27
C ARG B 205 -3.82 -21.32 -10.08
N LEU B 206 -4.47 -22.24 -9.38
CA LEU B 206 -3.88 -23.52 -9.11
C LEU B 206 -4.13 -24.55 -10.20
N GLY B 207 -4.77 -24.13 -11.31
CA GLY B 207 -5.00 -24.99 -12.48
C GLY B 207 -6.42 -25.42 -12.82
N ALA B 208 -7.40 -25.07 -11.98
CA ALA B 208 -8.79 -25.45 -12.26
C ALA B 208 -9.30 -24.72 -13.49
N GLU B 209 -10.10 -25.41 -14.31
CA GLU B 209 -10.76 -24.80 -15.44
C GLU B 209 -12.01 -24.21 -14.78
N VAL B 210 -12.09 -22.89 -14.71
CA VAL B 210 -13.17 -22.22 -13.98
C VAL B 210 -14.19 -21.52 -14.87
N THR B 211 -15.47 -21.80 -14.60
CA THR B 211 -16.60 -21.16 -15.30
C THR B 211 -17.48 -20.53 -14.22
N VAL B 212 -17.78 -19.24 -14.40
CA VAL B 212 -18.61 -18.47 -13.49
C VAL B 212 -19.93 -18.16 -14.16
N LEU B 213 -21.01 -18.75 -13.64
CA LEU B 213 -22.36 -18.55 -14.16
C LEU B 213 -23.07 -17.44 -13.38
N GLU B 214 -23.32 -16.31 -14.05
CA GLU B 214 -23.96 -15.13 -13.45
C GLU B 214 -25.27 -14.82 -14.16
N ALA B 215 -26.37 -14.82 -13.39
CA ALA B 215 -27.70 -14.59 -13.98
C ALA B 215 -27.92 -13.21 -14.60
N LEU B 216 -27.37 -12.17 -13.98
CA LEU B 216 -27.53 -10.80 -14.47
C LEU B 216 -26.66 -10.53 -15.70
N ASP B 217 -27.01 -9.47 -16.43
CA ASP B 217 -26.25 -9.01 -17.60
C ASP B 217 -25.31 -7.86 -17.27
N THR B 218 -24.98 -7.70 -16.00
CA THR B 218 -24.05 -6.66 -15.56
C THR B 218 -22.98 -7.36 -14.74
N PHE B 219 -21.78 -6.80 -14.77
CA PHE B 219 -20.66 -7.34 -14.03
C PHE B 219 -20.25 -6.29 -13.01
N LEU B 220 -20.19 -6.67 -11.73
CA LEU B 220 -19.81 -5.79 -10.63
C LEU B 220 -20.47 -4.42 -10.76
N MET B 221 -21.79 -4.42 -10.78
CA MET B 221 -22.58 -3.20 -10.96
C MET B 221 -22.28 -2.11 -9.92
N ALA B 222 -21.85 -2.49 -8.72
CA ALA B 222 -21.49 -1.52 -7.66
C ALA B 222 -20.19 -0.74 -7.96
N ALA B 223 -19.32 -1.32 -8.78
CA ALA B 223 -18.06 -0.66 -9.16
C ALA B 223 -18.25 0.36 -10.27
N ASP B 224 -17.28 1.27 -10.39
CA ASP B 224 -17.31 2.22 -11.46
C ASP B 224 -17.25 1.44 -12.75
N THR B 225 -18.00 1.89 -13.76
CA THR B 225 -18.05 1.18 -15.04
C THR B 225 -16.67 0.87 -15.64
N ALA B 226 -15.77 1.84 -15.60
CA ALA B 226 -14.43 1.62 -16.15
C ALA B 226 -13.69 0.55 -15.36
N VAL B 227 -13.93 0.49 -14.06
CA VAL B 227 -13.29 -0.51 -13.21
C VAL B 227 -13.84 -1.90 -13.51
N SER B 228 -15.16 -2.03 -13.60
CA SER B 228 -15.71 -3.37 -13.87
C SER B 228 -15.34 -3.84 -15.26
N LYS B 229 -15.30 -2.92 -16.24
CA LYS B 229 -14.90 -3.31 -17.60
C LYS B 229 -13.48 -3.90 -17.60
N GLU B 230 -12.55 -3.20 -16.97
CA GLU B 230 -11.16 -3.66 -16.88
C GLU B 230 -11.08 -4.99 -16.09
N ALA B 231 -11.84 -5.08 -15.00
CA ALA B 231 -11.85 -6.28 -14.16
C ALA B 231 -12.31 -7.52 -14.93
N GLN B 232 -13.39 -7.37 -15.71
CA GLN B 232 -13.90 -8.49 -16.47
C GLN B 232 -12.87 -8.98 -17.49
N LYS B 233 -12.20 -8.03 -18.15
CA LYS B 233 -11.19 -8.34 -19.15
C LYS B 233 -10.01 -9.11 -18.56
N THR B 234 -9.48 -8.59 -17.45
CA THR B 234 -8.33 -9.23 -16.83
C THR B 234 -8.65 -10.59 -16.22
N LEU B 235 -9.75 -10.69 -15.47
CA LEU B 235 -10.16 -11.97 -14.86
C LEU B 235 -10.43 -13.04 -15.91
N THR B 236 -10.98 -12.62 -17.05
CA THR B 236 -11.23 -13.55 -18.14
C THR B 236 -9.90 -14.09 -18.64
N LYS B 237 -8.92 -13.20 -18.79
CA LYS B 237 -7.60 -13.57 -19.26
C LYS B 237 -6.90 -14.50 -18.26
N GLN B 238 -7.24 -14.37 -16.98
CA GLN B 238 -6.68 -15.24 -15.91
C GLN B 238 -7.36 -16.61 -15.82
N GLY B 239 -8.30 -16.91 -16.72
CA GLY B 239 -8.95 -18.22 -16.74
C GLY B 239 -10.34 -18.32 -16.11
N LEU B 240 -10.96 -17.19 -15.75
CA LEU B 240 -12.33 -17.23 -15.24
C LEU B 240 -13.23 -17.02 -16.45
N ASP B 241 -13.91 -18.08 -16.89
CA ASP B 241 -14.83 -17.98 -18.02
C ASP B 241 -16.15 -17.46 -17.45
N ILE B 242 -16.24 -16.14 -17.40
CA ILE B 242 -17.40 -15.43 -16.83
C ILE B 242 -18.50 -15.32 -17.88
N LYS B 243 -19.61 -15.99 -17.60
CA LYS B 243 -20.78 -16.00 -18.47
C LYS B 243 -21.93 -15.23 -17.85
N LEU B 244 -22.23 -14.07 -18.43
CA LEU B 244 -23.32 -13.23 -17.98
C LEU B 244 -24.61 -13.69 -18.65
N GLY B 245 -25.74 -13.41 -18.00
CA GLY B 245 -27.05 -13.80 -18.51
C GLY B 245 -27.23 -15.31 -18.49
N ALA B 246 -26.49 -15.96 -17.59
CA ALA B 246 -26.50 -17.41 -17.45
C ALA B 246 -27.12 -17.78 -16.09
N ARG B 247 -28.43 -18.03 -16.10
CA ARG B 247 -29.16 -18.36 -14.88
C ARG B 247 -29.23 -19.87 -14.67
N VAL B 248 -28.69 -20.36 -13.54
CA VAL B 248 -28.73 -21.79 -13.24
C VAL B 248 -30.15 -22.15 -12.84
N THR B 249 -30.69 -23.17 -13.50
CA THR B 249 -32.06 -23.62 -13.30
C THR B 249 -32.17 -25.00 -12.65
N GLY B 250 -31.07 -25.76 -12.67
CA GLY B 250 -31.06 -27.09 -12.06
C GLY B 250 -29.68 -27.73 -12.03
N SER B 251 -29.56 -28.84 -11.31
CA SER B 251 -28.30 -29.53 -11.21
C SER B 251 -28.55 -30.99 -10.85
N LYS B 252 -27.61 -31.86 -11.20
CA LYS B 252 -27.74 -33.27 -10.92
C LYS B 252 -26.39 -33.86 -10.55
N VAL B 253 -26.25 -34.25 -9.28
CA VAL B 253 -25.01 -34.81 -8.80
C VAL B 253 -24.94 -36.29 -9.20
N ASN B 254 -23.90 -36.67 -9.93
CA ASN B 254 -23.69 -38.05 -10.39
C ASN B 254 -22.37 -38.57 -9.84
N GLY B 255 -22.41 -39.11 -8.63
CA GLY B 255 -21.21 -39.62 -7.98
C GLY B 255 -20.33 -38.46 -7.53
N ASN B 256 -19.21 -38.26 -8.21
CA ASN B 256 -18.25 -37.17 -7.88
C ASN B 256 -18.24 -36.01 -8.91
N GLU B 257 -19.33 -35.86 -9.65
CA GLU B 257 -19.53 -34.82 -10.66
C GLU B 257 -20.92 -34.22 -10.52
N VAL B 258 -21.11 -33.05 -11.11
CA VAL B 258 -22.43 -32.40 -11.11
C VAL B 258 -22.70 -31.81 -12.49
N GLU B 259 -23.82 -32.20 -13.11
CA GLU B 259 -24.20 -31.64 -14.40
C GLU B 259 -25.11 -30.46 -14.09
N VAL B 260 -24.68 -29.28 -14.51
CA VAL B 260 -25.44 -28.05 -14.27
C VAL B 260 -26.16 -27.63 -15.54
N THR B 261 -27.43 -27.22 -15.38
CA THR B 261 -28.28 -26.72 -16.47
C THR B 261 -28.53 -25.25 -16.22
N TYR B 262 -28.32 -24.43 -17.25
CA TYR B 262 -28.53 -22.99 -17.16
C TYR B 262 -29.08 -22.46 -18.49
N THR B 263 -29.67 -21.27 -18.45
CA THR B 263 -30.26 -20.64 -19.64
C THR B 263 -29.64 -19.28 -19.90
N ASN B 264 -29.35 -19.02 -21.18
CA ASN B 264 -28.78 -17.76 -21.65
C ASN B 264 -29.46 -17.36 -22.96
N ALA B 265 -28.84 -16.45 -23.73
CA ALA B 265 -29.43 -16.00 -25.00
C ALA B 265 -29.64 -17.13 -26.04
N GLU B 266 -28.94 -18.25 -25.88
CA GLU B 266 -29.04 -19.38 -26.82
C GLU B 266 -29.89 -20.56 -26.29
N GLY B 267 -30.74 -20.31 -25.29
CA GLY B 267 -31.60 -21.37 -24.71
C GLY B 267 -30.86 -22.16 -23.62
N GLU B 268 -31.34 -23.37 -23.34
CA GLU B 268 -30.71 -24.25 -22.32
C GLU B 268 -29.36 -24.78 -22.73
N GLN B 269 -28.46 -24.83 -21.74
CA GLN B 269 -27.11 -25.34 -21.90
C GLN B 269 -26.82 -26.28 -20.75
N LYS B 270 -25.94 -27.24 -20.96
CA LYS B 270 -25.52 -28.16 -19.91
C LYS B 270 -24.00 -28.19 -19.83
N ILE B 271 -23.49 -28.23 -18.61
CA ILE B 271 -22.06 -28.24 -18.35
C ILE B 271 -21.78 -29.05 -17.10
N THR B 272 -20.73 -29.87 -17.15
CA THR B 272 -20.35 -30.72 -16.02
C THR B 272 -19.13 -30.18 -15.28
N PHE B 273 -19.19 -30.23 -13.95
CA PHE B 273 -18.09 -29.79 -13.06
C PHE B 273 -17.77 -30.88 -12.05
N ASP B 274 -16.56 -30.84 -11.54
CA ASP B 274 -16.12 -31.75 -10.48
C ASP B 274 -16.56 -31.17 -9.14
N LYS B 275 -16.51 -29.85 -9.02
CA LYS B 275 -16.98 -29.14 -7.85
C LYS B 275 -17.79 -27.92 -8.30
N LEU B 276 -18.79 -27.53 -7.50
CA LEU B 276 -19.64 -26.39 -7.79
C LEU B 276 -19.77 -25.56 -6.52
N ILE B 277 -19.41 -24.28 -6.61
CA ILE B 277 -19.50 -23.34 -5.50
C ILE B 277 -20.72 -22.45 -5.74
N VAL B 278 -21.61 -22.37 -4.75
CA VAL B 278 -22.79 -21.54 -4.83
C VAL B 278 -22.48 -20.30 -4.03
N ALA B 279 -22.39 -19.17 -4.72
CA ALA B 279 -22.02 -17.89 -4.13
C ALA B 279 -23.00 -16.84 -4.62
N VAL B 280 -24.27 -17.06 -4.28
CA VAL B 280 -25.36 -16.19 -4.76
C VAL B 280 -25.86 -15.19 -3.73
N GLY B 281 -25.00 -14.83 -2.77
CA GLY B 281 -25.36 -13.86 -1.78
C GLY B 281 -25.47 -14.43 -0.39
N ARG B 282 -25.68 -13.53 0.56
CA ARG B 282 -25.79 -13.88 1.95
C ARG B 282 -27.04 -13.23 2.51
N ARG B 283 -27.67 -13.89 3.46
CA ARG B 283 -28.91 -13.39 4.08
C ARG B 283 -28.74 -13.20 5.58
N PRO B 284 -29.44 -12.22 6.17
CA PRO B 284 -29.32 -11.92 7.59
C PRO B 284 -29.80 -13.07 8.46
N VAL B 285 -29.12 -13.32 9.57
CA VAL B 285 -29.48 -14.41 10.49
C VAL B 285 -30.18 -13.87 11.72
N THR B 286 -31.45 -14.26 11.90
CA THR B 286 -32.21 -13.90 13.08
C THR B 286 -32.88 -15.15 13.67
N THR B 287 -32.36 -16.32 13.30
CA THR B 287 -32.89 -17.63 13.73
C THR B 287 -32.92 -17.74 15.25
N ASP B 288 -34.13 -17.79 15.82
CA ASP B 288 -34.33 -17.92 17.28
C ASP B 288 -33.61 -16.82 18.07
N LEU B 289 -33.42 -15.67 17.43
CA LEU B 289 -32.73 -14.54 18.05
C LEU B 289 -33.71 -13.70 18.85
N LEU B 290 -34.97 -13.71 18.46
CA LEU B 290 -35.96 -12.87 19.08
C LEU B 290 -37.22 -13.60 19.53
N ALA B 291 -37.59 -13.39 20.80
CA ALA B 291 -38.87 -13.92 21.30
C ALA B 291 -39.97 -13.19 20.50
N SER B 292 -41.11 -13.86 20.29
CA SER B 292 -42.24 -13.28 19.53
C SER B 292 -42.66 -11.89 20.03
N ASP B 293 -42.49 -11.63 21.32
CA ASP B 293 -42.84 -10.33 21.91
C ASP B 293 -41.61 -9.49 22.29
N SER B 294 -40.52 -9.62 21.51
CA SER B 294 -39.31 -8.85 21.77
C SER B 294 -39.54 -7.36 21.49
N GLY B 295 -40.44 -7.08 20.53
CA GLY B 295 -40.70 -5.70 20.11
C GLY B 295 -39.78 -5.24 18.98
N VAL B 296 -38.81 -6.08 18.59
CA VAL B 296 -37.84 -5.73 17.55
C VAL B 296 -38.43 -5.98 16.15
N THR B 297 -38.48 -4.91 15.35
CA THR B 297 -39.02 -4.98 14.00
C THR B 297 -38.02 -5.54 12.99
N ILE B 298 -38.49 -6.45 12.13
CA ILE B 298 -37.71 -7.06 11.03
C ILE B 298 -38.30 -6.56 9.71
N ASP B 299 -37.47 -6.08 8.78
CA ASP B 299 -38.01 -5.57 7.50
C ASP B 299 -38.41 -6.68 6.52
N GLU B 300 -38.83 -6.26 5.33
CA GLU B 300 -39.29 -7.19 4.28
C GLU B 300 -38.25 -8.24 3.84
N ARG B 301 -36.96 -7.91 3.91
CA ARG B 301 -35.90 -8.85 3.50
C ARG B 301 -35.20 -9.57 4.67
N GLY B 302 -35.76 -9.49 5.88
CA GLY B 302 -35.20 -10.20 7.05
C GLY B 302 -34.20 -9.45 7.90
N TYR B 303 -33.90 -8.20 7.56
CA TYR B 303 -32.96 -7.42 8.33
C TYR B 303 -33.62 -6.81 9.54
N ILE B 304 -32.88 -6.67 10.64
CA ILE B 304 -33.42 -5.98 11.81
C ILE B 304 -33.49 -4.49 11.42
N PHE B 305 -34.66 -3.87 11.56
CA PHE B 305 -34.80 -2.46 11.20
C PHE B 305 -34.12 -1.54 12.21
N VAL B 306 -33.28 -0.63 11.72
CA VAL B 306 -32.58 0.31 12.58
C VAL B 306 -32.48 1.69 11.92
N ASP B 307 -32.29 2.71 12.76
CA ASP B 307 -32.09 4.08 12.28
C ASP B 307 -30.59 4.29 11.91
N ASP B 308 -30.21 5.54 11.64
CA ASP B 308 -28.82 5.87 11.28
C ASP B 308 -27.80 5.57 12.37
N TYR B 309 -28.27 5.42 13.62
CA TYR B 309 -27.41 5.14 14.77
C TYR B 309 -27.49 3.67 15.23
N CYS B 310 -28.05 2.81 14.40
CA CYS B 310 -28.18 1.38 14.68
C CYS B 310 -29.12 1.07 15.85
N ALA B 311 -30.06 1.96 16.14
CA ALA B 311 -31.06 1.75 17.20
C ALA B 311 -32.26 1.06 16.58
N THR B 312 -32.73 0.00 17.22
CA THR B 312 -33.91 -0.73 16.78
C THR B 312 -35.18 0.00 17.26
N SER B 313 -36.33 -0.61 16.99
CA SER B 313 -37.61 -0.09 17.47
C SER B 313 -37.76 -0.14 19.01
N VAL B 314 -36.86 -0.84 19.69
CA VAL B 314 -36.90 -1.01 21.16
C VAL B 314 -35.78 -0.21 21.84
N PRO B 315 -36.16 0.67 22.80
CA PRO B 315 -35.15 1.46 23.53
C PRO B 315 -34.10 0.58 24.21
N GLY B 316 -32.83 0.96 24.06
CA GLY B 316 -31.72 0.22 24.65
C GLY B 316 -31.33 -1.04 23.87
N VAL B 317 -31.94 -1.28 22.71
CA VAL B 317 -31.59 -2.44 21.90
C VAL B 317 -31.10 -1.91 20.56
N TYR B 318 -29.89 -2.33 20.20
CA TYR B 318 -29.22 -1.91 18.98
C TYR B 318 -28.90 -3.11 18.11
N ALA B 319 -28.65 -2.88 16.83
CA ALA B 319 -28.31 -3.99 15.92
C ALA B 319 -27.30 -3.47 14.90
N ILE B 320 -26.26 -4.26 14.66
CA ILE B 320 -25.14 -3.87 13.82
C ILE B 320 -24.71 -4.98 12.89
N GLY B 321 -23.89 -4.63 11.91
CA GLY B 321 -23.31 -5.62 11.03
C GLY B 321 -24.18 -6.14 9.92
N ASP B 322 -23.95 -7.40 9.53
CA ASP B 322 -24.66 -8.01 8.41
C ASP B 322 -26.15 -8.20 8.64
N VAL B 323 -26.58 -8.15 9.90
CA VAL B 323 -28.00 -8.35 10.21
C VAL B 323 -28.84 -7.07 10.01
N VAL B 324 -28.20 -5.93 9.75
CA VAL B 324 -28.91 -4.67 9.47
C VAL B 324 -28.52 -4.15 8.07
N ARG B 325 -29.27 -3.15 7.60
CA ARG B 325 -29.06 -2.58 6.27
C ARG B 325 -27.64 -2.10 6.06
N GLY B 326 -27.23 -2.10 4.79
CA GLY B 326 -25.92 -1.60 4.39
C GLY B 326 -25.03 -2.65 3.78
N MET B 327 -23.84 -2.22 3.40
CA MET B 327 -22.88 -3.09 2.80
C MET B 327 -22.45 -4.15 3.82
N MET B 328 -22.46 -5.40 3.38
CA MET B 328 -22.10 -6.53 4.24
C MET B 328 -20.59 -6.67 4.27
N LEU B 329 -19.97 -5.83 5.10
CA LEU B 329 -18.52 -5.75 5.21
C LEU B 329 -18.12 -5.76 6.66
N ALA B 330 -16.94 -6.29 6.92
CA ALA B 330 -16.46 -6.43 8.30
C ALA B 330 -16.23 -5.09 8.98
N HIS B 331 -15.64 -4.16 8.25
CA HIS B 331 -15.36 -2.83 8.82
C HIS B 331 -16.62 -2.03 9.05
N LYS B 332 -17.66 -2.30 8.28
CA LYS B 332 -18.96 -1.69 8.49
C LYS B 332 -19.49 -2.19 9.85
N ALA B 333 -19.43 -3.50 10.07
CA ALA B 333 -19.88 -4.10 11.32
C ALA B 333 -19.13 -3.58 12.54
N SER B 334 -17.79 -3.57 12.47
CA SER B 334 -16.97 -3.12 13.58
C SER B 334 -17.23 -1.67 13.95
N GLU B 335 -17.26 -0.79 12.94
CA GLU B 335 -17.48 0.64 13.19
C GLU B 335 -18.89 0.95 13.72
N GLU B 336 -19.88 0.15 13.31
CA GLU B 336 -21.23 0.28 13.86
C GLU B 336 -21.19 -0.09 15.35
N GLY B 337 -20.43 -1.13 15.69
CA GLY B 337 -20.29 -1.53 17.10
C GLY B 337 -19.67 -0.41 17.95
N ILE B 338 -18.65 0.24 17.41
CA ILE B 338 -18.00 1.34 18.12
C ILE B 338 -19.00 2.47 18.33
N MET B 339 -19.70 2.85 17.25
CA MET B 339 -20.69 3.93 17.32
C MET B 339 -21.72 3.68 18.41
N VAL B 340 -22.30 2.48 18.38
CA VAL B 340 -23.32 2.10 19.36
C VAL B 340 -22.83 2.21 20.81
N VAL B 341 -21.64 1.68 21.08
CA VAL B 341 -21.11 1.71 22.43
C VAL B 341 -20.80 3.15 22.87
N GLU B 342 -20.20 3.94 21.97
CA GLU B 342 -19.90 5.36 22.27
C GLU B 342 -21.21 6.10 22.60
N ARG B 343 -22.27 5.81 21.83
CA ARG B 343 -23.58 6.42 22.06
C ARG B 343 -24.19 5.94 23.38
N ILE B 344 -23.99 4.68 23.73
CA ILE B 344 -24.44 4.17 25.04
C ILE B 344 -23.78 5.01 26.15
N LYS B 345 -22.50 5.35 25.96
CA LYS B 345 -21.79 6.20 26.93
C LYS B 345 -22.13 7.69 26.84
N GLY B 346 -23.07 8.06 25.98
CA GLY B 346 -23.51 9.46 25.85
C GLY B 346 -22.76 10.31 24.85
N HIS B 347 -21.80 9.73 24.11
CA HIS B 347 -21.05 10.49 23.10
C HIS B 347 -21.88 10.55 21.82
N LYS B 348 -21.78 11.65 21.09
CA LYS B 348 -22.54 11.84 19.85
C LYS B 348 -21.79 11.24 18.65
N ALA B 349 -21.41 9.98 18.77
CA ALA B 349 -20.72 9.28 17.69
C ALA B 349 -21.69 9.05 16.54
N GLN B 350 -21.16 9.01 15.33
CA GLN B 350 -21.97 8.85 14.14
C GLN B 350 -21.10 8.20 13.09
N MET B 351 -21.72 7.62 12.05
CA MET B 351 -20.97 7.01 10.97
C MET B 351 -21.25 7.66 9.66
N ASN B 352 -20.19 7.75 8.84
CA ASN B 352 -20.32 8.33 7.54
C ASN B 352 -20.37 7.15 6.56
N TYR B 353 -21.60 6.71 6.29
CA TYR B 353 -21.84 5.59 5.39
C TYR B 353 -21.36 5.83 3.96
N ASP B 354 -21.24 7.11 3.58
CA ASP B 354 -20.75 7.47 2.25
C ASP B 354 -19.25 7.22 2.06
N LEU B 355 -18.49 7.06 3.15
CA LEU B 355 -17.02 6.87 3.09
C LEU B 355 -16.51 5.49 3.54
N ILE B 356 -17.37 4.50 3.45
CA ILE B 356 -17.01 3.11 3.75
C ILE B 356 -16.43 2.54 2.46
N PRO B 357 -15.14 2.21 2.46
CA PRO B 357 -14.57 1.67 1.23
C PRO B 357 -14.97 0.22 0.96
N SER B 358 -14.89 -0.19 -0.30
CA SER B 358 -15.15 -1.57 -0.72
C SER B 358 -13.87 -2.10 -1.33
N VAL B 359 -13.53 -3.36 -1.04
CA VAL B 359 -12.32 -3.96 -1.60
C VAL B 359 -12.65 -5.34 -2.14
N ILE B 360 -12.08 -5.70 -3.29
CA ILE B 360 -12.20 -7.02 -3.88
C ILE B 360 -10.76 -7.48 -4.01
N TYR B 361 -10.46 -8.62 -3.38
CA TYR B 361 -9.11 -9.13 -3.26
C TYR B 361 -8.61 -10.06 -4.36
N THR B 362 -9.09 -9.82 -5.58
CA THR B 362 -8.59 -10.49 -6.72
C THR B 362 -7.22 -9.85 -7.04
N HIS B 363 -6.56 -10.27 -8.12
N HIS B 363 -6.59 -10.33 -8.12
CA HIS B 363 -5.32 -9.63 -8.55
CA HIS B 363 -5.40 -9.73 -8.70
C HIS B 363 -5.62 -9.33 -10.02
C HIS B 363 -5.77 -9.32 -10.11
N PRO B 364 -5.67 -8.03 -10.43
CA PRO B 364 -5.34 -6.88 -9.60
C PRO B 364 -6.40 -6.63 -8.53
N GLU B 365 -5.97 -6.12 -7.38
CA GLU B 365 -6.91 -5.77 -6.31
C GLU B 365 -7.79 -4.64 -6.83
N ILE B 366 -9.03 -4.61 -6.35
CA ILE B 366 -9.98 -3.58 -6.72
C ILE B 366 -10.49 -2.91 -5.44
N ALA B 367 -10.60 -1.59 -5.45
CA ALA B 367 -11.11 -0.88 -4.30
C ALA B 367 -11.71 0.46 -4.69
N TRP B 368 -12.67 0.93 -3.90
CA TRP B 368 -13.24 2.24 -4.14
C TRP B 368 -13.92 2.79 -2.92
N VAL B 369 -14.15 4.10 -2.97
CA VAL B 369 -14.88 4.79 -1.93
C VAL B 369 -15.64 5.94 -2.61
N GLY B 370 -16.82 6.25 -2.09
CA GLY B 370 -17.61 7.31 -2.68
C GLY B 370 -18.38 6.81 -3.89
N LYS B 371 -18.82 7.75 -4.72
CA LYS B 371 -19.67 7.46 -5.85
C LYS B 371 -18.96 7.12 -7.16
N THR B 372 -19.63 6.28 -7.95
CA THR B 372 -19.14 5.92 -9.28
C THR B 372 -19.48 7.05 -10.24
N GLU B 373 -18.82 7.05 -11.40
CA GLU B 373 -19.10 8.08 -12.40
C GLU B 373 -20.50 7.88 -12.97
N GLN B 374 -20.91 6.63 -13.21
CA GLN B 374 -22.24 6.38 -13.77
C GLN B 374 -23.35 6.85 -12.83
N ALA B 375 -23.14 6.69 -11.52
CA ALA B 375 -24.11 7.14 -10.52
C ALA B 375 -24.24 8.68 -10.50
N LEU B 376 -23.09 9.37 -10.52
CA LEU B 376 -23.09 10.83 -10.50
C LEU B 376 -23.76 11.42 -11.75
N LYS B 377 -23.51 10.81 -12.92
CA LYS B 377 -24.16 11.23 -14.17
C LYS B 377 -25.67 10.99 -14.12
N ALA B 378 -26.09 9.88 -13.51
CA ALA B 378 -27.51 9.55 -13.38
C ALA B 378 -28.21 10.53 -12.45
N GLU B 379 -27.50 11.01 -11.43
CA GLU B 379 -28.03 11.99 -10.48
C GLU B 379 -27.90 13.44 -10.98
N GLY B 380 -27.36 13.62 -12.20
CA GLY B 380 -27.24 14.96 -12.79
C GLY B 380 -26.09 15.82 -12.31
N VAL B 381 -25.19 15.24 -11.51
CA VAL B 381 -24.06 15.98 -10.98
C VAL B 381 -22.95 16.08 -12.01
N GLU B 382 -22.53 17.31 -12.29
CA GLU B 382 -21.50 17.57 -13.26
C GLU B 382 -20.15 17.30 -12.59
N VAL B 383 -19.28 16.55 -13.28
CA VAL B 383 -18.00 16.17 -12.68
C VAL B 383 -16.79 16.31 -13.60
N ASN B 384 -15.62 16.36 -12.96
CA ASN B 384 -14.34 16.34 -13.65
C ASN B 384 -13.69 15.02 -13.18
N VAL B 385 -13.12 14.28 -14.12
CA VAL B 385 -12.52 13.00 -13.85
C VAL B 385 -11.05 13.05 -14.23
N GLY B 386 -10.20 12.48 -13.39
CA GLY B 386 -8.76 12.36 -13.64
C GLY B 386 -8.38 10.89 -13.50
N THR B 387 -7.61 10.39 -14.46
N THR B 387 -7.63 10.36 -14.46
CA THR B 387 -7.17 8.99 -14.48
CA THR B 387 -7.17 8.96 -14.41
C THR B 387 -5.66 8.89 -14.67
C THR B 387 -5.68 8.86 -14.68
N PHE B 388 -5.04 7.90 -14.04
CA PHE B 388 -3.60 7.65 -14.22
C PHE B 388 -3.43 6.14 -14.27
N PRO B 389 -2.80 5.62 -15.34
CA PRO B 389 -2.61 4.17 -15.45
C PRO B 389 -1.31 3.73 -14.78
N PHE B 390 -1.31 2.54 -14.18
CA PHE B 390 -0.08 2.04 -13.56
C PHE B 390 0.99 1.74 -14.60
N ALA B 391 0.59 1.63 -15.87
CA ALA B 391 1.55 1.43 -16.96
C ALA B 391 2.54 2.60 -17.04
N ALA B 392 2.16 3.74 -16.49
CA ALA B 392 3.00 4.93 -16.45
C ALA B 392 3.76 5.11 -15.13
N SER B 393 3.56 4.19 -14.19
CA SER B 393 4.19 4.26 -12.87
C SER B 393 5.54 3.56 -12.83
N GLY B 394 6.59 4.31 -12.52
CA GLY B 394 7.91 3.72 -12.38
C GLY B 394 7.96 2.68 -11.27
N ARG B 395 7.26 2.93 -10.16
CA ARG B 395 7.24 1.94 -9.07
C ARG B 395 6.59 0.63 -9.51
N ALA B 396 5.50 0.74 -10.27
CA ALA B 396 4.77 -0.43 -10.76
C ALA B 396 5.58 -1.20 -11.77
N MET B 397 6.33 -0.48 -12.61
CA MET B 397 7.19 -1.14 -13.59
C MET B 397 8.27 -1.93 -12.88
N ALA B 398 8.87 -1.34 -11.85
CA ALA B 398 9.90 -2.03 -11.05
C ALA B 398 9.32 -3.32 -10.47
N ALA B 399 8.08 -3.23 -9.97
CA ALA B 399 7.40 -4.40 -9.40
C ALA B 399 6.91 -5.42 -10.42
N ASN B 400 6.96 -5.07 -11.72
CA ASN B 400 6.45 -5.93 -12.82
C ASN B 400 4.94 -6.14 -12.65
N ASP B 401 4.23 -5.09 -12.26
CA ASP B 401 2.79 -5.20 -12.06
C ASP B 401 2.16 -3.88 -12.46
N THR B 402 1.97 -3.73 -13.77
CA THR B 402 1.53 -2.46 -14.33
C THR B 402 0.11 -2.38 -14.81
N GLY B 403 -0.68 -3.43 -14.63
CA GLY B 403 -2.08 -3.36 -15.07
C GLY B 403 -2.95 -2.49 -14.17
N GLY B 404 -3.93 -1.82 -14.78
CA GLY B 404 -4.89 -1.03 -14.04
C GLY B 404 -4.67 0.47 -14.00
N PHE B 405 -5.43 1.12 -13.14
CA PHE B 405 -5.42 2.58 -13.04
C PHE B 405 -6.08 3.11 -11.78
N VAL B 406 -5.88 4.40 -11.54
CA VAL B 406 -6.52 5.15 -10.47
C VAL B 406 -7.44 6.14 -11.16
N LYS B 407 -8.67 6.26 -10.66
CA LYS B 407 -9.68 7.20 -11.17
C LYS B 407 -10.21 8.07 -10.02
N VAL B 408 -10.09 9.39 -10.14
CA VAL B 408 -10.56 10.33 -9.14
C VAL B 408 -11.67 11.16 -9.78
N ILE B 409 -12.79 11.29 -9.10
CA ILE B 409 -13.95 12.02 -9.60
C ILE B 409 -14.21 13.18 -8.65
N ALA B 410 -14.31 14.39 -9.19
CA ALA B 410 -14.59 15.58 -8.38
C ALA B 410 -15.75 16.39 -8.94
N ASP B 411 -16.44 17.09 -8.04
CA ASP B 411 -17.55 17.98 -8.40
C ASP B 411 -17.00 19.04 -9.36
N ALA B 412 -17.67 19.25 -10.50
CA ALA B 412 -17.18 20.20 -11.50
C ALA B 412 -17.20 21.65 -11.02
N LYS B 413 -18.09 22.00 -10.10
CA LYS B 413 -18.15 23.38 -9.63
C LYS B 413 -17.25 23.64 -8.42
N THR B 414 -17.28 22.77 -7.41
CA THR B 414 -16.51 22.96 -6.18
C THR B 414 -15.16 22.25 -6.11
N ASP B 415 -14.91 21.31 -7.02
CA ASP B 415 -13.66 20.51 -7.05
C ASP B 415 -13.58 19.53 -5.86
N ARG B 416 -14.68 19.36 -5.12
CA ARG B 416 -14.71 18.41 -4.00
C ARG B 416 -14.63 16.99 -4.55
N VAL B 417 -13.75 16.17 -3.97
CA VAL B 417 -13.60 14.77 -4.41
C VAL B 417 -14.83 14.00 -3.97
N LEU B 418 -15.52 13.37 -4.92
CA LEU B 418 -16.75 12.61 -4.66
C LEU B 418 -16.53 11.09 -4.75
N GLY B 419 -15.42 10.65 -5.33
CA GLY B 419 -15.14 9.21 -5.45
C GLY B 419 -13.71 8.93 -5.90
N VAL B 420 -13.15 7.83 -5.40
CA VAL B 420 -11.81 7.38 -5.75
C VAL B 420 -11.94 5.89 -6.04
N HIS B 421 -11.46 5.48 -7.22
CA HIS B 421 -11.60 4.11 -7.68
C HIS B 421 -10.25 3.63 -8.19
N VAL B 422 -9.85 2.45 -7.73
CA VAL B 422 -8.58 1.87 -8.11
C VAL B 422 -8.70 0.40 -8.46
N ILE B 423 -8.05 0.05 -9.56
CA ILE B 423 -7.88 -1.34 -9.95
C ILE B 423 -6.37 -1.44 -10.20
N GLY B 424 -5.66 -2.19 -9.35
CA GLY B 424 -4.21 -2.33 -9.50
C GLY B 424 -3.49 -2.55 -8.19
N PRO B 425 -2.14 -2.54 -8.24
CA PRO B 425 -1.37 -2.82 -7.02
C PRO B 425 -1.68 -1.85 -5.86
N SER B 426 -1.82 -2.41 -4.65
CA SER B 426 -2.12 -1.66 -3.44
C SER B 426 -3.39 -0.80 -3.55
N ALA B 427 -4.37 -1.28 -4.33
CA ALA B 427 -5.62 -0.52 -4.52
C ALA B 427 -6.28 -0.08 -3.20
N ALA B 428 -6.36 -1.00 -2.24
CA ALA B 428 -6.98 -0.69 -0.94
C ALA B 428 -6.26 0.42 -0.20
N GLU B 429 -4.93 0.39 -0.23
CA GLU B 429 -4.13 1.41 0.42
C GLU B 429 -4.30 2.78 -0.23
N LEU B 430 -4.38 2.82 -1.56
CA LEU B 430 -4.55 4.11 -2.27
C LEU B 430 -5.96 4.63 -2.04
N VAL B 431 -6.95 3.75 -2.06
CA VAL B 431 -8.33 4.16 -1.77
C VAL B 431 -8.46 4.69 -0.34
N GLN B 432 -7.75 4.08 0.61
CA GLN B 432 -7.76 4.57 1.99
C GLN B 432 -7.18 5.99 2.07
N GLN B 433 -6.15 6.26 1.27
CA GLN B 433 -5.60 7.63 1.16
C GLN B 433 -6.70 8.58 0.72
N GLY B 434 -7.45 8.15 -0.31
CA GLY B 434 -8.56 8.93 -0.83
C GLY B 434 -9.63 9.15 0.23
N ALA B 435 -9.99 8.07 0.93
CA ALA B 435 -11.02 8.13 1.99
C ALA B 435 -10.66 9.08 3.11
N ILE B 436 -9.40 9.04 3.54
CA ILE B 436 -8.90 9.94 4.59
C ILE B 436 -9.03 11.40 4.14
N ALA B 437 -8.60 11.66 2.91
CA ALA B 437 -8.69 13.01 2.36
C ALA B 437 -10.14 13.46 2.28
N MET B 438 -11.04 12.56 1.87
CA MET B 438 -12.47 12.84 1.75
C MET B 438 -13.10 13.13 3.10
N GLU B 439 -12.65 12.43 4.15
CA GLU B 439 -13.12 12.73 5.51
C GLU B 439 -12.87 14.19 5.84
N PHE B 440 -11.77 14.75 5.35
CA PHE B 440 -11.43 16.15 5.59
C PHE B 440 -12.02 17.09 4.50
N GLY B 441 -12.94 16.60 3.68
CA GLY B 441 -13.56 17.42 2.62
C GLY B 441 -12.60 17.87 1.53
N THR B 442 -11.61 17.04 1.21
CA THR B 442 -10.60 17.41 0.22
C THR B 442 -11.17 17.76 -1.15
N SER B 443 -10.46 18.65 -1.82
CA SER B 443 -10.73 18.96 -3.19
C SER B 443 -9.67 18.16 -3.99
N ALA B 444 -9.84 18.04 -5.30
CA ALA B 444 -8.86 17.36 -6.14
C ALA B 444 -7.55 18.17 -6.09
N GLU B 445 -7.68 19.50 -6.11
CA GLU B 445 -6.54 20.41 -6.02
C GLU B 445 -5.73 20.23 -4.72
N ASP B 446 -6.41 20.06 -3.59
CA ASP B 446 -5.72 19.84 -2.31
C ASP B 446 -4.78 18.63 -2.37
N LEU B 447 -5.27 17.54 -2.94
CA LEU B 447 -4.46 16.32 -3.07
C LEU B 447 -3.26 16.54 -3.98
N GLY B 448 -3.49 17.22 -5.09
CA GLY B 448 -2.43 17.53 -6.07
C GLY B 448 -1.32 18.40 -5.51
N MET B 449 -1.66 19.19 -4.51
CA MET B 449 -0.73 20.12 -3.90
C MET B 449 0.18 19.43 -2.86
N MET B 450 -0.13 18.18 -2.48
CA MET B 450 0.66 17.47 -1.47
C MET B 450 1.87 16.78 -2.04
N VAL B 451 2.82 16.51 -1.16
CA VAL B 451 4.06 15.84 -1.54
C VAL B 451 3.89 14.34 -1.35
N PHE B 452 3.98 13.60 -2.45
CA PHE B 452 3.89 12.16 -2.48
C PHE B 452 5.29 11.62 -2.72
N SER B 453 5.71 10.66 -1.90
CA SER B 453 7.00 9.99 -2.06
C SER B 453 7.18 9.38 -3.45
N HIS B 454 8.42 9.47 -3.95
CA HIS B 454 8.79 8.94 -5.26
C HIS B 454 9.97 7.99 -5.08
N PRO B 455 9.93 6.78 -5.66
CA PRO B 455 8.84 6.24 -6.44
C PRO B 455 7.92 5.40 -5.53
N THR B 456 6.62 5.62 -5.62
CA THR B 456 5.64 4.82 -4.87
C THR B 456 4.37 4.68 -5.69
N LEU B 457 3.61 3.63 -5.40
CA LEU B 457 2.32 3.41 -6.05
C LEU B 457 1.37 4.57 -5.73
N SER B 458 1.54 5.16 -4.55
CA SER B 458 0.73 6.31 -4.12
C SER B 458 0.74 7.46 -5.12
N GLU B 459 1.86 7.63 -5.81
CA GLU B 459 1.97 8.69 -6.79
C GLU B 459 0.85 8.61 -7.83
N ALA B 460 0.36 7.39 -8.09
CA ALA B 460 -0.72 7.22 -9.06
C ALA B 460 -1.99 7.96 -8.63
N LEU B 461 -2.25 8.01 -7.32
CA LEU B 461 -3.39 8.78 -6.80
C LEU B 461 -3.14 10.28 -6.98
N HIS B 462 -1.92 10.72 -6.67
CA HIS B 462 -1.52 12.12 -6.83
C HIS B 462 -1.70 12.56 -8.28
N GLU B 463 -1.15 11.78 -9.22
CA GLU B 463 -1.29 12.11 -10.66
C GLU B 463 -2.76 12.15 -11.10
N ALA B 464 -3.58 11.20 -10.64
CA ALA B 464 -5.01 11.16 -10.99
C ALA B 464 -5.74 12.39 -10.46
N ALA B 465 -5.38 12.83 -9.26
CA ALA B 465 -6.00 14.02 -8.67
C ALA B 465 -5.63 15.24 -9.51
N LEU B 466 -4.36 15.35 -9.91
CA LEU B 466 -3.91 16.46 -10.75
C LEU B 466 -4.63 16.42 -12.10
N ALA B 467 -4.81 15.21 -12.64
CA ALA B 467 -5.49 15.01 -13.93
C ALA B 467 -6.94 15.52 -13.93
N VAL B 468 -7.56 15.59 -12.77
CA VAL B 468 -8.94 16.10 -12.66
C VAL B 468 -9.06 17.48 -13.31
N ASN B 469 -8.08 18.33 -13.04
CA ASN B 469 -8.07 19.70 -13.58
C ASN B 469 -7.01 19.89 -14.67
N GLY B 470 -6.70 18.80 -15.38
CA GLY B 470 -5.73 18.82 -16.49
C GLY B 470 -4.32 19.24 -16.12
N GLY B 471 -3.90 18.95 -14.89
CA GLY B 471 -2.57 19.30 -14.42
C GLY B 471 -1.61 18.16 -14.14
N ALA B 472 -1.90 16.95 -14.61
CA ALA B 472 -1.02 15.81 -14.39
C ALA B 472 0.30 16.04 -15.12
N ILE B 473 1.38 15.57 -14.52
CA ILE B 473 2.69 15.71 -15.11
C ILE B 473 2.99 14.54 -16.03
N HIS B 474 2.71 13.33 -15.55
CA HIS B 474 3.10 12.11 -16.29
C HIS B 474 2.13 11.45 -17.27
N VAL B 475 1.04 12.14 -17.57
CA VAL B 475 0.12 11.69 -18.61
C VAL B 475 -0.35 12.96 -19.30
N ALA B 476 -0.61 12.88 -20.60
CA ALA B 476 -1.13 14.04 -21.37
C ALA B 476 -2.51 14.42 -20.83
N ASN B 477 -2.80 15.71 -20.86
CA ASN B 477 -4.07 16.26 -20.35
C ASN B 477 -4.94 16.77 -21.50
N ARG B 478 -6.24 16.43 -21.46
CA ARG B 478 -7.20 16.84 -22.50
C ARG B 478 -8.28 17.71 -21.89
P AMP C . 24.42 8.91 3.55
O1P AMP C . 24.14 8.15 2.31
O2P AMP C . 23.18 8.93 4.36
O3P AMP C . 25.03 10.21 3.15
O5' AMP C . 25.45 7.99 4.33
C5' AMP C . 26.86 7.99 4.04
C4' AMP C . 27.56 7.30 5.18
O4' AMP C . 28.95 7.03 4.83
C3' AMP C . 27.62 8.10 6.49
O3' AMP C . 26.86 7.43 7.49
C2' AMP C . 29.12 8.20 6.80
O2' AMP C . 29.45 8.05 8.16
C1' AMP C . 29.70 7.04 6.00
N9 AMP C . 31.11 7.17 5.66
C8 AMP C . 31.75 8.24 5.08
N7 AMP C . 33.04 8.05 4.88
C5 AMP C . 33.26 6.76 5.37
C6 AMP C . 34.42 5.97 5.47
N6 AMP C . 35.62 6.38 5.05
N1 AMP C . 34.30 4.75 6.03
C2 AMP C . 33.09 4.35 6.44
N3 AMP C . 31.93 5.00 6.41
C4 AMP C . 32.08 6.22 5.86
PA FAD D . 19.47 14.83 -10.68
O1A FAD D . 18.42 13.73 -10.72
O2A FAD D . 20.86 14.45 -10.23
O5B FAD D . 19.48 15.50 -12.10
C5B FAD D . 20.48 16.45 -12.45
C4B FAD D . 20.61 16.42 -13.96
O4B FAD D . 21.27 17.58 -14.45
C3B FAD D . 21.44 15.23 -14.41
O3B FAD D . 20.70 14.61 -15.46
C2B FAD D . 22.75 15.81 -14.92
O2B FAD D . 23.31 15.12 -16.04
C1B FAD D . 22.31 17.19 -15.35
N9A FAD D . 23.29 18.30 -15.28
C8A FAD D . 24.11 18.60 -14.26
N7A FAD D . 24.81 19.73 -14.55
C5A FAD D . 24.39 20.15 -15.75
C6A FAD D . 24.72 21.27 -16.64
N6A FAD D . 25.64 22.18 -16.25
N1A FAD D . 24.06 21.36 -17.82
C2A FAD D . 23.13 20.45 -18.20
N3A FAD D . 22.80 19.39 -17.43
C4A FAD D . 23.39 19.21 -16.22
N1 FAD D . 15.37 9.52 -4.09
C2 FAD D . 14.11 9.18 -3.70
O2 FAD D . 13.30 10.09 -3.47
N3 FAD D . 13.73 7.89 -3.58
C4 FAD D . 14.57 6.86 -3.82
O4 FAD D . 14.18 5.68 -3.69
C4X FAD D . 15.95 7.16 -4.24
N5 FAD D . 16.86 6.19 -4.51
C5X FAD D . 18.12 6.50 -4.92
C6 FAD D . 19.03 5.47 -5.20
C7 FAD D . 20.33 5.76 -5.61
C7M FAD D . 21.29 4.63 -5.89
C8 FAD D . 20.76 7.18 -5.76
C8M FAD D . 22.17 7.54 -6.22
C9 FAD D . 19.86 8.21 -5.50
C9A FAD D . 18.55 7.93 -5.07
N10 FAD D . 17.60 8.95 -4.79
C10 FAD D . 16.30 8.59 -4.37
C1' FAD D . 17.90 10.38 -4.88
C2' FAD D . 17.35 10.98 -6.15
O2' FAD D . 17.93 10.28 -7.27
C3' FAD D . 17.69 12.46 -6.18
O3' FAD D . 17.24 13.11 -4.97
C4' FAD D . 17.06 13.13 -7.38
O4' FAD D . 17.48 12.51 -8.61
C5' FAD D . 17.45 14.60 -7.40
O5' FAD D . 16.91 15.16 -8.57
P FAD D . 17.54 16.47 -9.23
O1P FAD D . 17.82 17.45 -8.10
O2P FAD D . 16.61 16.90 -10.33
O3P FAD D . 19.01 16.05 -9.74
S SO4 E . 31.14 -8.24 -13.32
O1 SO4 E . 30.49 -6.91 -13.45
O2 SO4 E . 31.33 -8.85 -14.66
O3 SO4 E . 32.46 -8.09 -12.66
O4 SO4 E . 30.28 -9.13 -12.51
S SO4 F . 33.57 32.57 -15.95
O1 SO4 F . 32.36 32.38 -16.79
O2 SO4 F . 34.75 32.08 -16.69
O3 SO4 F . 33.72 34.01 -15.65
O4 SO4 F . 33.45 31.82 -14.68
P AMP G . -23.45 -10.92 -4.34
O1P AMP G . -24.62 -10.93 -3.44
O2P AMP G . -22.71 -9.64 -4.58
O3P AMP G . -22.49 -11.95 -3.87
O5' AMP G . -23.87 -11.47 -5.78
C5' AMP G . -24.56 -12.70 -5.97
C4' AMP G . -24.81 -12.90 -7.44
O4' AMP G . -25.43 -14.18 -7.69
C3' AMP G . -25.71 -11.85 -8.09
O3' AMP G . -25.01 -11.12 -9.09
C2' AMP G . -26.88 -12.67 -8.67
O2' AMP G . -27.35 -12.21 -9.92
C1' AMP G . -26.25 -14.05 -8.82
N9 AMP G . -27.21 -15.15 -8.84
C8 AMP G . -28.29 -15.36 -8.00
N7 AMP G . -28.97 -16.44 -8.29
C5 AMP G . -28.32 -16.96 -9.40
C6 AMP G . -28.56 -18.10 -10.20
N6 AMP G . -29.57 -18.95 -9.99
N1 AMP G . -27.72 -18.34 -11.23
C2 AMP G . -26.72 -17.48 -11.45
N3 AMP G . -26.39 -16.38 -10.77
C4 AMP G . -27.24 -16.17 -9.75
PA FAD H . -20.58 -12.45 11.59
O1A FAD H . -19.11 -12.27 11.32
O2A FAD H . -21.33 -13.36 10.67
O5B FAD H . -20.75 -12.86 13.12
C5B FAD H . -22.00 -13.27 13.65
C4B FAD H . -21.74 -14.22 14.80
O4B FAD H . -22.89 -14.35 15.64
C3B FAD H . -21.40 -15.61 14.30
O3B FAD H . -20.16 -16.01 14.89
C2B FAD H . -22.53 -16.51 14.79
O2B FAD H . -22.09 -17.79 15.27
C1B FAD H . -23.08 -15.74 15.95
N9A FAD H . -24.50 -15.88 16.26
C8A FAD H . -25.53 -15.74 15.41
N7A FAD H . -26.71 -15.88 16.06
C5A FAD H . -26.40 -16.08 17.36
C6A FAD H . -27.17 -16.29 18.59
N6A FAD H . -28.53 -16.30 18.50
N1A FAD H . -26.49 -16.48 19.76
C2A FAD H . -25.14 -16.46 19.82
N3A FAD H . -24.39 -16.27 18.70
C4A FAD H . -24.96 -16.08 17.48
N1 FAD H . -15.88 -8.58 4.44
C2 FAD H . -14.91 -7.65 4.27
O2 FAD H . -15.11 -6.51 4.76
N3 FAD H . -13.77 -7.91 3.59
C4 FAD H . -13.53 -9.13 3.05
O4 FAD H . -12.47 -9.37 2.43
C4X FAD H . -14.54 -10.19 3.18
N5 FAD H . -14.37 -11.43 2.68
C5X FAD H . -15.31 -12.38 2.84
C6 FAD H . -15.12 -13.66 2.30
C7 FAD H . -16.07 -14.65 2.45
C7M FAD H . -15.82 -16.02 1.86
C8 FAD H . -17.32 -14.37 3.21
C8M FAD H . -18.39 -15.42 3.41
C9 FAD H . -17.51 -13.11 3.75
C9A FAD H . -16.57 -12.09 3.60
N10 FAD H . -16.77 -10.79 4.13
C10 FAD H . -15.76 -9.84 3.94
C1' FAD H . -17.97 -10.40 4.88
C2' FAD H . -17.69 -10.40 6.37
O2' FAD H . -17.29 -11.73 6.77
C3' FAD H . -18.94 -9.96 7.11
O3' FAD H . -19.39 -8.67 6.65
C4' FAD H . -18.67 -9.89 8.61
O4' FAD H . -18.21 -11.17 9.09
C5' FAD H . -19.92 -9.46 9.34
O5' FAD H . -19.65 -9.40 10.73
P FAD H . -20.86 -9.56 11.77
O1P FAD H . -22.01 -8.69 11.31
O2P FAD H . -20.30 -9.37 13.14
O3P FAD H . -21.38 -11.05 11.50
S SO4 I . -40.81 -17.48 21.47
O1 SO4 I . -41.77 -16.40 21.14
O2 SO4 I . -41.48 -18.79 21.34
O3 SO4 I . -39.67 -17.43 20.54
O4 SO4 I . -40.33 -17.29 22.86
#